data_4CT4
#
_entry.id   4CT4
#
_cell.length_a   71.531
_cell.length_b   120.014
_cell.length_c   78.469
_cell.angle_alpha   90.00
_cell.angle_beta   104.01
_cell.angle_gamma   90.00
#
_symmetry.space_group_name_H-M   'P 1 21 1'
#
loop_
_entity.id
_entity.type
_entity.pdbx_description
1 polymer 'CCR4-NOT TRANSCRIPTION COMPLEX SUBUNIT 1'
2 polymer 'PROBABLE ATP-DEPENDENT RNA HELICASE DDX6'
3 non-polymer 'MAGNESIUM ION'
4 non-polymer 'CHLORIDE ION'
5 water water
#
loop_
_entity_poly.entity_id
_entity_poly.type
_entity_poly.pdbx_seq_one_letter_code
_entity_poly.pdbx_strand_id
1 'polypeptide(L)'
;QGPDSMKKDVPPSINTTNIDTLLVATDQTERIVEPPENIQEKIAFIFNNLSQSNMTQKVEELKETVKEEFMPWVSQYLVM
KRVSIEPNFHSLYSNFLDTLKNPEFNKMVLNETYRNIKVLLTSDKAAANFSDRSLLKNLGHWLGMITLAKNKPILHTDLD
VKSLLLEAYVKGQQELLYVVPFVAKVLESSIRSVVFRPPNPWTMAIMNVLAELHQEHDLKLNLKFEIEVLCKNLALDINE
LKPGNLLKDKDRLKNLDE
;
A,C
2 'polypeptide(L)'
;RSMGNEFEDYCLKRELLMGIFEMGWEKPSPIQEESIPIALSGRDILARAKNGTGKSGAYLIPLLERLDLKKDNIQAMVIV
PTRELALQVSQICIQVSKHMGGAKVMATTGGTNLRDDIMRLDDTVHVVIATPGRILDLIKKGVAKVDHVQMIVLDEADKL
LSQDFVQIMEDIILTLPKNRQILLYSATFPLSVQKFMNSHLQKPYEINLMEELTLKGVTQYYAYVTERQKVHCLNTLFSR
LQINQSIIFCNSSQRVELLAKKISQLGYSCFYIHAKMRQEHRNRVFHDFRNGLCRNLVCTDLFTRGIDIQAVNVVINFDF
PKLAETYLHRIGRSGRFGHLGLAINLITYDDRFNLKSIEEQLGTEIKPIPSNIDKSLY
;
B,D
#
loop_
_chem_comp.id
_chem_comp.type
_chem_comp.name
_chem_comp.formula
CL non-polymer 'CHLORIDE ION' 'Cl -1'
MG non-polymer 'MAGNESIUM ION' 'Mg 2'
#
# COMPACT_ATOMS: atom_id res chain seq x y z
N ASN A 15 -16.83 4.85 -1.60
CA ASN A 15 -17.16 6.11 -2.26
C ASN A 15 -15.91 6.92 -2.63
N THR A 16 -16.13 7.95 -3.46
CA THR A 16 -15.05 8.83 -3.92
C THR A 16 -15.04 10.09 -3.04
N THR A 17 -15.86 10.06 -2.00
CA THR A 17 -15.98 11.17 -1.08
C THR A 17 -16.10 10.65 0.35
N ASN A 18 -15.38 9.57 0.60
CA ASN A 18 -15.27 9.00 1.92
C ASN A 18 -14.39 9.93 2.75
N ILE A 19 -14.93 10.47 3.84
CA ILE A 19 -14.11 11.32 4.70
C ILE A 19 -13.82 10.67 6.06
N ASP A 20 -13.90 9.33 6.12
CA ASP A 20 -13.71 8.60 7.37
C ASP A 20 -12.34 8.91 8.01
N THR A 21 -11.31 8.91 7.16
CA THR A 21 -9.94 9.22 7.59
C THR A 21 -9.86 10.54 8.36
N LEU A 22 -10.68 11.50 7.95
CA LEU A 22 -10.75 12.78 8.62
C LEU A 22 -11.61 12.67 9.86
N LEU A 23 -12.72 11.94 9.73
CA LEU A 23 -13.65 11.75 10.84
C LEU A 23 -12.98 11.06 12.01
N VAL A 24 -12.27 9.98 11.71
CA VAL A 24 -11.60 9.19 12.75
C VAL A 24 -10.56 10.03 13.47
N ALA A 25 -9.79 10.79 12.72
CA ALA A 25 -8.75 11.59 13.30
C ALA A 25 -9.33 12.70 14.18
N THR A 26 -10.55 13.12 13.87
CA THR A 26 -11.20 14.16 14.64
C THR A 26 -11.74 13.59 15.94
N ASP A 27 -12.20 12.34 15.89
CA ASP A 27 -12.76 11.66 17.05
C ASP A 27 -11.71 11.35 18.11
N GLN A 28 -10.46 11.73 17.83
CA GLN A 28 -9.37 11.59 18.79
C GLN A 28 -8.72 12.93 19.08
N THR A 29 -9.46 14.02 18.86
CA THR A 29 -8.96 15.36 19.17
C THR A 29 -9.80 16.02 20.25
N GLU A 30 -9.30 17.13 20.79
CA GLU A 30 -9.99 17.83 21.86
C GLU A 30 -11.40 18.17 21.39
N ARG A 31 -12.38 17.50 22.01
CA ARG A 31 -13.78 17.70 21.69
C ARG A 31 -14.15 19.16 21.85
N ILE A 32 -14.74 19.75 20.82
CA ILE A 32 -15.14 21.15 20.86
C ILE A 32 -16.64 21.26 21.13
N VAL A 33 -17.12 22.49 21.31
CA VAL A 33 -18.54 22.73 21.57
C VAL A 33 -19.43 22.55 20.33
N GLU A 34 -20.28 21.53 20.38
CA GLU A 34 -21.25 21.28 19.31
C GLU A 34 -22.50 22.13 19.53
N PRO A 35 -22.93 22.88 18.50
CA PRO A 35 -24.12 23.73 18.57
C PRO A 35 -25.35 22.85 18.63
N PRO A 36 -26.48 23.42 19.06
CA PRO A 36 -27.72 22.61 19.04
C PRO A 36 -28.13 22.22 17.63
N GLU A 37 -28.91 21.16 17.54
CA GLU A 37 -29.31 20.58 16.28
C GLU A 37 -30.00 21.56 15.35
N ASN A 38 -30.79 22.48 15.90
CA ASN A 38 -31.50 23.41 15.04
C ASN A 38 -30.52 24.36 14.37
N ILE A 39 -29.43 24.67 15.07
CA ILE A 39 -28.39 25.49 14.51
C ILE A 39 -27.58 24.69 13.50
N GLN A 40 -27.26 23.44 13.84
CA GLN A 40 -26.53 22.58 12.92
C GLN A 40 -27.31 22.45 11.62
N GLU A 41 -28.60 22.15 11.73
CA GLU A 41 -29.48 21.98 10.58
C GLU A 41 -29.54 23.24 9.72
N LYS A 42 -29.62 24.39 10.38
CA LYS A 42 -29.64 25.67 9.69
C LYS A 42 -28.34 25.91 8.92
N ILE A 43 -27.23 25.49 9.50
CA ILE A 43 -25.92 25.66 8.87
C ILE A 43 -25.82 24.77 7.63
N ALA A 44 -26.26 23.53 7.76
CA ALA A 44 -26.26 22.58 6.64
C ALA A 44 -27.13 23.12 5.51
N PHE A 45 -28.31 23.63 5.85
CA PHE A 45 -29.25 24.16 4.87
C PHE A 45 -28.63 25.33 4.11
N ILE A 46 -28.01 26.25 4.84
CA ILE A 46 -27.31 27.38 4.24
C ILE A 46 -26.23 26.90 3.25
N PHE A 47 -25.37 26.01 3.70
CA PHE A 47 -24.31 25.58 2.83
C PHE A 47 -24.82 24.70 1.67
N ASN A 48 -25.89 23.93 1.92
CA ASN A 48 -26.49 23.16 0.84
C ASN A 48 -27.08 24.05 -0.24
N ASN A 49 -27.64 25.18 0.15
CA ASN A 49 -28.35 26.03 -0.79
C ASN A 49 -27.66 27.33 -1.18
N LEU A 50 -26.39 27.45 -0.83
CA LEU A 50 -25.60 28.62 -1.17
C LEU A 50 -25.29 28.73 -2.66
N SER A 51 -25.61 29.86 -3.26
CA SER A 51 -25.20 30.16 -4.65
C SER A 51 -24.70 31.60 -4.78
N GLN A 52 -24.08 31.91 -5.92
CA GLN A 52 -23.59 33.26 -6.20
C GLN A 52 -24.73 34.29 -6.13
N SER A 53 -25.94 33.86 -6.48
CA SER A 53 -27.06 34.81 -6.53
C SER A 53 -27.84 34.95 -5.24
N ASN A 54 -27.41 34.29 -4.16
CA ASN A 54 -28.06 34.48 -2.88
C ASN A 54 -27.04 34.65 -1.77
N MET A 55 -25.78 34.76 -2.17
CA MET A 55 -24.68 34.81 -1.22
C MET A 55 -24.87 35.88 -0.14
N THR A 56 -25.29 37.07 -0.57
CA THR A 56 -25.47 38.19 0.33
C THR A 56 -26.51 37.84 1.37
N GLN A 57 -27.62 37.30 0.91
CA GLN A 57 -28.71 36.88 1.77
C GLN A 57 -28.29 35.75 2.69
N LYS A 58 -27.56 34.77 2.14
CA LYS A 58 -27.10 33.64 2.93
C LYS A 58 -26.07 34.07 4.01
N VAL A 59 -25.14 34.93 3.63
CA VAL A 59 -24.16 35.42 4.61
C VAL A 59 -24.83 36.11 5.78
N GLU A 60 -25.76 37.01 5.47
CA GLU A 60 -26.55 37.67 6.50
C GLU A 60 -27.31 36.69 7.38
N GLU A 61 -27.89 35.66 6.78
CA GLU A 61 -28.59 34.63 7.55
C GLU A 61 -27.62 33.95 8.50
N LEU A 62 -26.40 33.73 8.03
CA LEU A 62 -25.40 33.01 8.82
C LEU A 62 -25.04 33.78 10.08
N LYS A 63 -24.88 35.10 9.95
CA LYS A 63 -24.55 35.93 11.09
C LYS A 63 -25.72 35.98 12.06
N GLU A 64 -26.91 36.21 11.53
CA GLU A 64 -28.11 36.32 12.35
C GLU A 64 -28.53 35.02 13.06
N THR A 65 -27.83 33.93 12.81
CA THR A 65 -28.22 32.65 13.41
C THR A 65 -27.12 31.95 14.20
N VAL A 66 -25.86 32.17 13.84
CA VAL A 66 -24.78 31.50 14.54
C VAL A 66 -24.01 32.40 15.52
N LYS A 67 -24.03 32.03 16.81
CA LYS A 67 -23.31 32.76 17.86
C LYS A 67 -21.80 32.54 17.76
N GLU A 68 -21.03 33.42 18.39
CA GLU A 68 -19.57 33.36 18.34
C GLU A 68 -18.97 32.03 18.82
N GLU A 69 -19.59 31.41 19.82
CA GLU A 69 -19.06 30.17 20.40
C GLU A 69 -19.28 28.92 19.54
N PHE A 70 -19.98 29.06 18.41
CA PHE A 70 -20.26 27.90 17.56
C PHE A 70 -19.36 27.95 16.35
N MET A 71 -18.74 29.10 16.15
CA MET A 71 -17.87 29.32 15.00
C MET A 71 -16.75 28.30 14.84
N PRO A 72 -16.17 27.80 15.95
CA PRO A 72 -15.24 26.68 15.75
C PRO A 72 -15.89 25.45 15.11
N TRP A 73 -17.13 25.15 15.47
CA TRP A 73 -17.81 24.00 14.89
C TRP A 73 -18.03 24.25 13.40
N VAL A 74 -18.49 25.46 13.07
CA VAL A 74 -18.73 25.84 11.70
C VAL A 74 -17.47 25.76 10.83
N SER A 75 -16.31 26.13 11.37
CA SER A 75 -15.07 26.00 10.59
C SER A 75 -14.75 24.52 10.37
N GLN A 76 -15.04 23.69 11.36
CA GLN A 76 -14.80 22.26 11.21
C GLN A 76 -15.76 21.66 10.21
N TYR A 77 -17.01 22.11 10.22
CA TYR A 77 -18.00 21.63 9.26
C TYR A 77 -17.61 22.00 7.84
N LEU A 78 -17.28 23.27 7.65
CA LEU A 78 -16.94 23.78 6.33
C LEU A 78 -15.73 23.09 5.71
N VAL A 79 -14.67 22.93 6.50
CA VAL A 79 -13.42 22.36 6.01
C VAL A 79 -13.53 20.86 5.84
N MET A 80 -13.93 20.15 6.89
CA MET A 80 -13.97 18.69 6.81
C MET A 80 -15.10 18.16 5.92
N LYS A 81 -16.29 18.70 6.08
CA LYS A 81 -17.45 18.09 5.42
C LYS A 81 -17.83 18.69 4.07
N ARG A 82 -17.43 19.93 3.82
CA ARG A 82 -17.81 20.59 2.58
C ARG A 82 -16.65 20.72 1.62
N VAL A 83 -15.66 21.49 2.03
CA VAL A 83 -14.54 21.88 1.18
C VAL A 83 -13.71 20.71 0.68
N SER A 84 -13.52 19.71 1.54
CA SER A 84 -12.71 18.56 1.20
C SER A 84 -13.29 17.72 0.06
N ILE A 85 -14.61 17.80 -0.16
CA ILE A 85 -15.23 16.95 -1.20
C ILE A 85 -16.10 17.75 -2.17
N GLU A 86 -16.02 19.08 -2.11
CA GLU A 86 -16.76 19.89 -3.07
C GLU A 86 -15.82 20.87 -3.77
N PRO A 87 -14.80 20.36 -4.49
CA PRO A 87 -13.82 21.29 -5.09
C PRO A 87 -14.51 22.23 -6.09
N ASN A 88 -15.61 21.77 -6.68
CA ASN A 88 -16.34 22.59 -7.63
C ASN A 88 -16.99 23.84 -7.03
N PHE A 89 -17.07 23.89 -5.70
CA PHE A 89 -17.63 25.06 -5.04
C PHE A 89 -16.60 25.80 -4.17
N HIS A 90 -15.32 25.58 -4.43
CA HIS A 90 -14.28 26.29 -3.68
C HIS A 90 -14.36 27.81 -3.83
N SER A 91 -14.58 28.29 -5.06
CA SER A 91 -14.73 29.73 -5.26
C SER A 91 -15.91 30.30 -4.49
N LEU A 92 -16.97 29.51 -4.39
CA LEU A 92 -18.18 29.95 -3.73
C LEU A 92 -17.97 30.12 -2.23
N TYR A 93 -17.29 29.16 -1.61
CA TYR A 93 -17.11 29.20 -0.17
C TYR A 93 -16.07 30.28 0.18
N SER A 94 -15.11 30.45 -0.73
CA SER A 94 -14.10 31.47 -0.59
C SER A 94 -14.74 32.86 -0.72
N ASN A 95 -15.62 33.02 -1.69
CA ASN A 95 -16.37 34.27 -1.80
C ASN A 95 -17.25 34.46 -0.60
N PHE A 96 -17.74 33.34 -0.06
CA PHE A 96 -18.53 33.40 1.16
C PHE A 96 -17.75 33.98 2.34
N LEU A 97 -16.48 33.60 2.47
CA LEU A 97 -15.64 34.07 3.56
C LEU A 97 -15.35 35.56 3.42
N ASP A 98 -15.06 35.98 2.20
CA ASP A 98 -14.83 37.37 1.89
C ASP A 98 -16.05 38.21 2.27
N THR A 99 -17.24 37.71 1.95
CA THR A 99 -18.48 38.42 2.24
C THR A 99 -18.80 38.38 3.74
N LEU A 100 -18.39 37.33 4.44
CA LEU A 100 -18.69 37.24 5.86
C LEU A 100 -17.91 38.27 6.71
N LYS A 101 -16.75 38.70 6.22
CA LYS A 101 -15.88 39.66 6.92
C LYS A 101 -15.74 39.37 8.42
N ASN A 102 -15.17 38.21 8.71
CA ASN A 102 -14.98 37.70 10.05
C ASN A 102 -13.57 37.14 10.14
N PRO A 103 -12.58 38.02 10.29
CA PRO A 103 -11.18 37.63 10.15
C PRO A 103 -10.75 36.60 11.18
N GLU A 104 -11.44 36.52 12.31
CA GLU A 104 -11.13 35.48 13.29
C GLU A 104 -11.74 34.13 12.92
N PHE A 105 -12.81 34.14 12.11
CA PHE A 105 -13.38 32.90 11.59
C PHE A 105 -12.46 32.31 10.54
N ASN A 106 -11.95 33.18 9.67
CA ASN A 106 -10.98 32.80 8.65
C ASN A 106 -9.79 32.06 9.21
N LYS A 107 -9.38 32.43 10.42
CA LYS A 107 -8.21 31.83 11.04
C LYS A 107 -8.51 30.41 11.53
N MET A 108 -9.70 30.24 12.10
CA MET A 108 -10.15 28.90 12.48
C MET A 108 -10.21 28.00 11.24
N VAL A 109 -10.70 28.53 10.13
CA VAL A 109 -10.83 27.73 8.91
C VAL A 109 -9.43 27.35 8.43
N LEU A 110 -8.50 28.31 8.51
CA LEU A 110 -7.13 28.05 8.11
C LEU A 110 -6.51 26.94 8.96
N ASN A 111 -6.63 27.04 10.27
CA ASN A 111 -6.05 26.03 11.13
C ASN A 111 -6.70 24.63 10.93
N GLU A 112 -8.01 24.61 10.72
CA GLU A 112 -8.70 23.36 10.42
C GLU A 112 -8.21 22.76 9.08
N THR A 113 -7.96 23.63 8.11
CA THR A 113 -7.37 23.21 6.87
C THR A 113 -5.99 22.59 7.09
N TYR A 114 -5.11 23.26 7.85
CA TYR A 114 -3.79 22.70 8.14
C TYR A 114 -3.94 21.36 8.89
N ARG A 115 -4.86 21.31 9.85
CA ARG A 115 -5.04 20.08 10.64
C ARG A 115 -5.41 18.88 9.79
N ASN A 116 -6.39 19.04 8.90
CA ASN A 116 -6.84 17.90 8.09
C ASN A 116 -5.81 17.50 7.05
N ILE A 117 -5.10 18.51 6.52
CA ILE A 117 -3.99 18.26 5.62
C ILE A 117 -2.95 17.36 6.29
N LYS A 118 -2.69 17.59 7.57
CA LYS A 118 -1.65 16.83 8.26
C LYS A 118 -2.09 15.41 8.57
N VAL A 119 -3.38 15.27 8.87
CA VAL A 119 -3.98 13.96 9.07
C VAL A 119 -3.75 13.12 7.81
N LEU A 120 -4.01 13.69 6.64
CA LEU A 120 -3.78 13.01 5.38
C LEU A 120 -2.29 12.76 5.11
N LEU A 121 -1.48 13.81 5.18
CA LEU A 121 -0.06 13.66 4.90
C LEU A 121 0.59 12.61 5.76
N THR A 122 0.12 12.50 7.00
CA THR A 122 0.75 11.57 7.93
C THR A 122 0.00 10.24 8.07
N SER A 123 -1.11 10.10 7.37
CA SER A 123 -1.88 8.85 7.42
C SER A 123 -1.09 7.70 6.78
N ASP A 124 -1.32 6.49 7.27
CA ASP A 124 -0.70 5.30 6.68
C ASP A 124 -1.31 5.08 5.30
N LYS A 125 -0.48 5.20 4.26
CA LYS A 125 -0.98 5.19 2.87
C LYS A 125 -1.47 3.83 2.41
N ALA A 126 -1.10 2.78 3.14
CA ALA A 126 -1.53 1.42 2.80
C ALA A 126 -2.99 1.15 3.20
N ALA A 127 -3.42 1.66 4.35
CA ALA A 127 -4.79 1.43 4.82
C ALA A 127 -5.72 2.57 4.42
N ALA A 128 -5.23 3.41 3.51
CA ALA A 128 -5.95 4.61 3.09
C ALA A 128 -7.12 4.28 2.18
N ASN A 129 -8.15 5.13 2.24
CA ASN A 129 -9.27 5.02 1.31
C ASN A 129 -8.85 5.51 -0.07
N PHE A 130 -9.57 5.07 -1.09
CA PHE A 130 -9.32 5.48 -2.49
C PHE A 130 -9.39 7.01 -2.58
N SER A 131 -10.29 7.59 -1.80
CA SER A 131 -10.61 8.99 -1.84
C SER A 131 -9.52 9.88 -1.23
N ASP A 132 -8.64 9.32 -0.42
CA ASP A 132 -7.76 10.16 0.41
C ASP A 132 -6.85 11.08 -0.41
N ARG A 133 -6.35 10.57 -1.55
CA ARG A 133 -5.65 11.38 -2.53
C ARG A 133 -6.44 12.61 -2.99
N SER A 134 -7.74 12.42 -3.30
CA SER A 134 -8.63 13.51 -3.69
C SER A 134 -8.83 14.49 -2.54
N LEU A 135 -9.07 13.95 -1.34
CA LEU A 135 -9.25 14.79 -0.20
C LEU A 135 -8.03 15.68 -0.03
N LEU A 136 -6.84 15.11 -0.21
CA LEU A 136 -5.61 15.88 -0.05
C LEU A 136 -5.50 16.97 -1.10
N LYS A 137 -5.75 16.61 -2.36
CA LYS A 137 -5.72 17.56 -3.47
C LYS A 137 -6.71 18.69 -3.23
N ASN A 138 -7.92 18.34 -2.82
CA ASN A 138 -8.94 19.36 -2.62
C ASN A 138 -8.57 20.35 -1.51
N LEU A 139 -8.04 19.84 -0.40
CA LEU A 139 -7.66 20.66 0.73
C LEU A 139 -6.49 21.56 0.36
N GLY A 140 -5.59 21.05 -0.45
CA GLY A 140 -4.48 21.82 -0.96
C GLY A 140 -4.97 22.93 -1.84
N HIS A 141 -5.92 22.62 -2.73
CA HIS A 141 -6.48 23.66 -3.58
C HIS A 141 -7.12 24.78 -2.76
N TRP A 142 -7.92 24.39 -1.78
CA TRP A 142 -8.57 25.32 -0.87
C TRP A 142 -7.51 26.17 -0.14
N LEU A 143 -6.51 25.52 0.46
CA LEU A 143 -5.44 26.19 1.17
C LEU A 143 -4.84 27.32 0.35
N GLY A 144 -4.45 26.99 -0.88
CA GLY A 144 -3.89 27.97 -1.78
C GLY A 144 -4.87 29.12 -1.93
N MET A 145 -6.16 28.81 -1.97
CA MET A 145 -7.14 29.88 -2.15
C MET A 145 -7.32 30.84 -0.95
N ILE A 146 -7.11 30.37 0.28
CA ILE A 146 -7.38 31.22 1.44
C ILE A 146 -6.11 31.80 2.04
N THR A 147 -4.95 31.40 1.50
CA THR A 147 -3.68 32.00 1.87
C THR A 147 -3.08 32.76 0.70
N LEU A 148 -2.29 32.08 -0.10
CA LEU A 148 -1.57 32.72 -1.20
C LEU A 148 -2.44 33.65 -2.02
N ALA A 149 -3.57 33.15 -2.53
CA ALA A 149 -4.41 33.96 -3.41
C ALA A 149 -4.90 35.21 -2.73
N LYS A 150 -4.99 35.19 -1.40
CA LYS A 150 -5.39 36.37 -0.63
C LYS A 150 -4.21 37.10 0.06
N ASN A 151 -3.01 36.89 -0.48
CA ASN A 151 -1.80 37.58 -0.02
C ASN A 151 -1.45 37.29 1.44
N LYS A 152 -1.77 36.09 1.91
CA LYS A 152 -1.35 35.64 3.25
C LYS A 152 -0.34 34.51 3.04
N PRO A 153 0.72 34.49 3.86
CA PRO A 153 1.74 33.46 3.63
C PRO A 153 1.32 32.07 4.12
N ILE A 154 1.94 31.05 3.54
CA ILE A 154 1.91 29.73 4.12
C ILE A 154 3.22 29.65 4.92
N LEU A 155 3.12 29.89 6.22
CA LEU A 155 4.28 29.86 7.12
C LEU A 155 4.82 28.43 7.28
N HIS A 156 6.14 28.29 7.30
CA HIS A 156 6.73 26.95 7.33
C HIS A 156 6.49 26.24 8.65
N THR A 157 6.21 27.00 9.70
CA THR A 157 5.79 26.43 10.98
C THR A 157 4.39 25.82 10.92
N ASP A 158 3.64 26.10 9.85
CA ASP A 158 2.34 25.45 9.60
C ASP A 158 2.50 24.33 8.58
N LEU A 159 3.02 24.65 7.41
CA LEU A 159 3.25 23.67 6.37
C LEU A 159 4.53 24.00 5.60
N ASP A 160 5.55 23.18 5.75
CA ASP A 160 6.79 23.42 5.01
C ASP A 160 6.74 22.63 3.70
N VAL A 161 6.35 23.32 2.63
CA VAL A 161 6.11 22.67 1.34
C VAL A 161 7.37 22.04 0.74
N LYS A 162 8.46 22.78 0.73
CA LYS A 162 9.73 22.31 0.23
C LYS A 162 10.16 21.00 0.91
N SER A 163 10.09 20.93 2.23
CA SER A 163 10.52 19.73 2.93
C SER A 163 9.58 18.56 2.67
N LEU A 164 8.30 18.88 2.51
CA LEU A 164 7.28 17.90 2.14
C LEU A 164 7.67 17.16 0.85
N LEU A 165 8.02 17.94 -0.18
CA LEU A 165 8.51 17.39 -1.44
C LEU A 165 9.74 16.53 -1.26
N LEU A 166 10.67 16.98 -0.43
CA LEU A 166 11.92 16.27 -0.24
C LEU A 166 11.68 14.98 0.54
N GLU A 167 10.81 15.03 1.54
CA GLU A 167 10.47 13.84 2.30
C GLU A 167 9.73 12.83 1.43
N ALA A 168 8.86 13.32 0.54
CA ALA A 168 8.13 12.43 -0.36
C ALA A 168 9.06 11.70 -1.30
N TYR A 169 10.04 12.43 -1.84
CA TYR A 169 10.97 11.83 -2.76
C TYR A 169 11.80 10.74 -2.09
N VAL A 170 12.04 10.88 -0.80
CA VAL A 170 12.77 9.86 -0.07
C VAL A 170 11.90 8.62 0.11
N LYS A 171 10.60 8.85 0.34
CA LYS A 171 9.68 7.76 0.63
C LYS A 171 9.29 6.88 -0.56
N GLY A 172 9.30 7.46 -1.77
CA GLY A 172 9.02 6.68 -2.96
C GLY A 172 7.83 7.12 -3.79
N GLN A 173 7.56 6.39 -4.87
CA GLN A 173 6.55 6.82 -5.85
C GLN A 173 5.17 7.02 -5.23
N GLN A 174 4.77 6.13 -4.34
CA GLN A 174 3.48 6.25 -3.68
C GLN A 174 3.31 7.57 -2.94
N GLU A 175 4.36 8.01 -2.25
CA GLU A 175 4.28 9.25 -1.50
C GLU A 175 4.29 10.45 -2.45
N LEU A 176 5.10 10.37 -3.51
CA LEU A 176 5.15 11.40 -4.54
C LEU A 176 3.79 11.56 -5.22
N LEU A 177 3.13 10.43 -5.46
CA LEU A 177 1.81 10.41 -6.07
C LEU A 177 0.78 11.16 -5.23
N TYR A 178 0.90 11.08 -3.91
CA TYR A 178 0.03 11.86 -3.03
C TYR A 178 0.46 13.33 -2.94
N VAL A 179 1.76 13.55 -2.77
CA VAL A 179 2.25 14.88 -2.41
C VAL A 179 2.36 15.83 -3.60
N VAL A 180 2.91 15.38 -4.72
CA VAL A 180 3.12 16.28 -5.86
C VAL A 180 1.85 16.96 -6.39
N PRO A 181 0.74 16.20 -6.54
CA PRO A 181 -0.49 16.88 -6.96
C PRO A 181 -1.07 17.78 -5.86
N PHE A 182 -0.84 17.43 -4.60
CA PHE A 182 -1.15 18.34 -3.50
C PHE A 182 -0.41 19.69 -3.62
N VAL A 183 0.91 19.64 -3.80
CA VAL A 183 1.72 20.83 -3.90
C VAL A 183 1.28 21.64 -5.10
N ALA A 184 1.02 20.97 -6.23
CA ALA A 184 0.59 21.70 -7.42
C ALA A 184 -0.72 22.46 -7.19
N LYS A 185 -1.71 21.82 -6.57
CA LYS A 185 -2.98 22.48 -6.29
C LYS A 185 -2.82 23.71 -5.40
N VAL A 186 -1.92 23.63 -4.43
CA VAL A 186 -1.64 24.77 -3.56
C VAL A 186 -1.03 25.91 -4.36
N LEU A 187 0.06 25.63 -5.07
CA LEU A 187 0.80 26.65 -5.79
C LEU A 187 0.06 27.30 -6.95
N GLU A 188 -0.99 26.64 -7.43
CA GLU A 188 -1.83 27.19 -8.48
C GLU A 188 -2.35 28.58 -8.15
N SER A 189 -2.67 28.82 -6.89
CA SER A 189 -3.19 30.12 -6.43
C SER A 189 -2.17 31.26 -6.44
N SER A 190 -0.89 30.95 -6.52
CA SER A 190 0.14 31.98 -6.38
C SER A 190 0.11 33.00 -7.51
N ILE A 191 -0.37 32.60 -8.69
CA ILE A 191 -0.44 33.49 -9.84
C ILE A 191 -1.48 34.60 -9.62
N ARG A 192 -2.38 34.42 -8.67
CA ARG A 192 -3.40 35.44 -8.41
C ARG A 192 -3.00 36.39 -7.25
N SER A 193 -1.75 36.29 -6.80
CA SER A 193 -1.33 37.04 -5.63
C SER A 193 -0.25 38.08 -5.95
N VAL A 194 -0.54 39.37 -5.74
CA VAL A 194 0.49 40.40 -5.94
C VAL A 194 1.74 40.09 -5.11
N VAL A 195 1.52 39.53 -3.92
CA VAL A 195 2.62 39.23 -3.02
C VAL A 195 3.39 37.97 -3.44
N PHE A 196 2.67 36.89 -3.75
CA PHE A 196 3.30 35.58 -3.92
C PHE A 196 3.47 35.09 -5.36
N ARG A 197 3.04 35.87 -6.33
CA ARG A 197 3.21 35.43 -7.72
C ARG A 197 4.69 35.39 -8.05
N PRO A 198 5.08 34.54 -9.01
CA PRO A 198 6.48 34.59 -9.48
C PRO A 198 6.81 36.04 -9.81
N PRO A 199 8.06 36.48 -9.59
CA PRO A 199 9.26 35.76 -9.14
C PRO A 199 9.48 35.78 -7.63
N ASN A 200 8.40 35.81 -6.85
CA ASN A 200 8.46 35.71 -5.40
C ASN A 200 9.40 34.57 -5.00
N PRO A 201 10.33 34.84 -4.08
CA PRO A 201 11.37 33.87 -3.70
C PRO A 201 10.85 32.58 -3.09
N TRP A 202 9.81 32.65 -2.27
CA TRP A 202 9.25 31.43 -1.66
C TRP A 202 8.65 30.52 -2.75
N THR A 203 7.95 31.13 -3.70
CA THR A 203 7.31 30.37 -4.77
C THR A 203 8.34 29.68 -5.65
N MET A 204 9.36 30.44 -6.04
CA MET A 204 10.41 29.95 -6.95
C MET A 204 11.29 28.85 -6.33
N ALA A 205 11.44 28.86 -5.00
CA ALA A 205 12.21 27.80 -4.35
C ALA A 205 11.44 26.47 -4.46
N ILE A 206 10.13 26.52 -4.29
CA ILE A 206 9.33 25.33 -4.48
C ILE A 206 9.37 24.89 -5.95
N MET A 207 9.24 25.85 -6.86
CA MET A 207 9.32 25.55 -8.28
C MET A 207 10.67 24.91 -8.65
N ASN A 208 11.75 25.39 -8.04
CA ASN A 208 13.06 24.85 -8.35
C ASN A 208 13.23 23.40 -7.89
N VAL A 209 12.62 23.06 -6.76
CA VAL A 209 12.60 21.66 -6.28
C VAL A 209 11.74 20.78 -7.22
N LEU A 210 10.57 21.27 -7.59
CA LEU A 210 9.74 20.56 -8.56
C LEU A 210 10.44 20.36 -9.89
N ALA A 211 11.16 21.40 -10.33
CA ALA A 211 11.89 21.30 -11.60
C ALA A 211 12.97 20.24 -11.50
N GLU A 212 13.47 20.04 -10.29
CA GLU A 212 14.47 19.00 -10.08
C GLU A 212 13.85 17.61 -10.11
N LEU A 213 12.67 17.45 -9.51
CA LEU A 213 11.93 16.18 -9.58
C LEU A 213 11.63 15.84 -11.02
N HIS A 214 11.28 16.87 -11.78
CA HIS A 214 10.91 16.70 -13.18
C HIS A 214 12.05 16.14 -14.02
N GLN A 215 13.28 16.30 -13.54
CA GLN A 215 14.47 15.80 -14.25
C GLN A 215 14.74 14.33 -13.94
N GLU A 216 14.02 13.77 -12.97
CA GLU A 216 14.20 12.36 -12.62
C GLU A 216 13.63 11.48 -13.70
N HIS A 217 14.50 10.67 -14.31
CA HIS A 217 14.08 9.79 -15.40
C HIS A 217 12.87 8.94 -15.06
N ASP A 218 12.84 8.35 -13.87
CA ASP A 218 11.78 7.39 -13.57
C ASP A 218 10.59 7.94 -12.77
N LEU A 219 10.44 9.26 -12.71
CA LEU A 219 9.24 9.82 -12.14
C LEU A 219 8.07 9.49 -13.08
N LYS A 220 6.96 9.03 -12.53
CA LYS A 220 5.79 8.66 -13.32
C LYS A 220 5.35 9.80 -14.24
N LEU A 221 5.05 9.47 -15.49
CA LEU A 221 4.72 10.48 -16.49
C LEU A 221 3.64 11.46 -16.00
N ASN A 222 2.63 10.97 -15.30
CA ASN A 222 1.53 11.85 -14.90
C ASN A 222 2.01 12.89 -13.86
N LEU A 223 3.05 12.56 -13.10
CA LEU A 223 3.63 13.56 -12.19
C LEU A 223 4.45 14.56 -12.96
N LYS A 224 5.15 14.10 -13.98
CA LYS A 224 5.85 15.03 -14.86
C LYS A 224 4.85 16.01 -15.48
N PHE A 225 3.69 15.51 -15.89
CA PHE A 225 2.63 16.38 -16.39
C PHE A 225 2.10 17.37 -15.31
N GLU A 226 1.97 16.94 -14.05
CA GLU A 226 1.52 17.85 -12.98
C GLU A 226 2.44 19.06 -12.90
N ILE A 227 3.73 18.79 -12.93
CA ILE A 227 4.74 19.84 -12.82
C ILE A 227 4.72 20.78 -14.04
N GLU A 228 4.71 20.20 -15.24
CA GLU A 228 4.63 20.99 -16.48
C GLU A 228 3.34 21.81 -16.58
N VAL A 229 2.23 21.28 -16.08
CA VAL A 229 0.98 22.01 -16.12
C VAL A 229 0.97 23.11 -15.05
N LEU A 230 1.55 22.83 -13.90
CA LEU A 230 1.74 23.86 -12.88
C LEU A 230 2.50 25.04 -13.49
N CYS A 231 3.60 24.77 -14.17
CA CYS A 231 4.41 25.82 -14.78
C CYS A 231 3.59 26.68 -15.74
N LYS A 232 2.79 26.01 -16.55
CA LYS A 232 1.97 26.70 -17.52
C LYS A 232 0.95 27.59 -16.81
N ASN A 233 0.36 27.09 -15.74
CA ASN A 233 -0.54 27.91 -14.95
C ASN A 233 0.13 29.13 -14.28
N LEU A 234 1.42 29.03 -13.93
CA LEU A 234 2.06 30.16 -13.27
C LEU A 234 2.76 31.04 -14.29
N ALA A 235 2.50 30.78 -15.56
CA ALA A 235 3.13 31.50 -16.67
C ALA A 235 4.64 31.40 -16.56
N LEU A 236 5.13 30.25 -16.10
CA LEU A 236 6.55 30.01 -15.99
C LEU A 236 7.04 29.14 -17.14
N ASP A 237 8.21 29.47 -17.65
CA ASP A 237 8.88 28.62 -18.61
C ASP A 237 9.64 27.58 -17.80
N ILE A 238 9.22 26.33 -17.93
CA ILE A 238 9.83 25.22 -17.19
C ILE A 238 11.34 25.21 -17.39
N ASN A 239 11.76 25.55 -18.59
CA ASN A 239 13.17 25.52 -18.96
C ASN A 239 13.90 26.68 -18.32
N GLU A 240 13.16 27.69 -17.88
CA GLU A 240 13.76 28.86 -17.26
C GLU A 240 13.87 28.75 -15.74
N LEU A 241 13.52 27.59 -15.21
CA LEU A 241 13.67 27.30 -13.78
C LEU A 241 15.11 26.95 -13.48
N LYS A 242 15.48 26.97 -12.21
CA LYS A 242 16.87 26.76 -11.82
C LYS A 242 17.01 25.59 -10.85
N PRO A 243 16.83 24.35 -11.35
CA PRO A 243 16.94 23.16 -10.51
C PRO A 243 18.30 23.05 -9.84
N GLY A 244 18.32 22.62 -8.59
CA GLY A 244 19.55 22.46 -7.86
C GLY A 244 20.00 21.00 -7.80
N ASN A 245 20.51 20.62 -6.63
CA ASN A 245 21.05 19.28 -6.41
C ASN A 245 20.57 18.72 -5.08
N LEU A 246 19.36 19.11 -4.69
CA LEU A 246 18.82 18.69 -3.40
C LEU A 246 18.53 17.20 -3.33
N LEU A 247 18.14 16.63 -4.48
CA LEU A 247 17.82 15.20 -4.55
C LEU A 247 19.06 14.33 -4.67
N LYS A 248 20.12 14.87 -5.25
CA LYS A 248 21.39 14.15 -5.44
C LYS A 248 22.06 13.67 -4.15
N ASP A 249 21.55 14.13 -3.00
CA ASP A 249 21.96 13.60 -1.71
C ASP A 249 21.17 12.33 -1.40
N LYS A 250 19.98 12.25 -1.97
CA LYS A 250 19.10 11.08 -1.79
C LYS A 250 19.18 10.15 -3.00
N ARG B 1 -8.18 -4.63 -28.95
CA ARG B 1 -7.02 -5.35 -28.44
C ARG B 1 -6.18 -4.49 -27.52
N SER B 2 -6.60 -4.40 -26.26
CA SER B 2 -5.92 -3.64 -25.22
C SER B 2 -4.39 -3.69 -25.28
N MET B 3 -3.76 -2.51 -25.40
CA MET B 3 -2.31 -2.41 -25.29
C MET B 3 -1.92 -2.16 -23.83
N GLY B 4 -2.87 -2.23 -22.92
CA GLY B 4 -2.60 -2.00 -21.52
C GLY B 4 -3.55 -1.03 -20.83
N ASN B 5 -3.41 -0.90 -19.51
CA ASN B 5 -4.34 -0.15 -18.70
C ASN B 5 -3.95 1.31 -18.49
N GLU B 6 -2.94 1.79 -19.24
CA GLU B 6 -2.48 3.17 -19.09
C GLU B 6 -2.46 3.84 -20.45
N PHE B 7 -2.79 5.14 -20.48
CA PHE B 7 -2.78 5.91 -21.73
C PHE B 7 -1.41 5.89 -22.40
N GLU B 8 -0.39 5.90 -21.57
CA GLU B 8 0.99 5.91 -22.01
C GLU B 8 1.34 4.71 -22.89
N ASP B 9 0.68 3.59 -22.65
CA ASP B 9 0.95 2.35 -23.39
C ASP B 9 0.52 2.40 -24.84
N TYR B 10 -0.27 3.39 -25.22
CA TYR B 10 -0.85 3.38 -26.57
C TYR B 10 0.01 4.05 -27.64
N CYS B 11 1.18 4.53 -27.20
CA CYS B 11 2.14 5.26 -28.03
C CYS B 11 1.50 6.46 -28.75
N LEU B 12 0.80 7.29 -27.98
CA LEU B 12 0.20 8.48 -28.53
C LEU B 12 1.21 9.61 -28.43
N LYS B 13 0.99 10.69 -29.18
CA LYS B 13 1.82 11.87 -29.02
C LYS B 13 1.82 12.39 -27.57
N ARG B 14 2.99 12.81 -27.10
CA ARG B 14 3.13 13.29 -25.72
C ARG B 14 2.19 14.47 -25.47
N GLU B 15 2.09 15.36 -26.45
CA GLU B 15 1.21 16.53 -26.36
C GLU B 15 -0.22 16.08 -26.17
N LEU B 16 -0.58 14.98 -26.81
CA LEU B 16 -1.97 14.52 -26.72
C LEU B 16 -2.22 13.90 -25.34
N LEU B 17 -1.23 13.16 -24.85
CA LEU B 17 -1.34 12.58 -23.52
C LEU B 17 -1.52 13.67 -22.47
N MET B 18 -0.85 14.82 -22.67
CA MET B 18 -0.97 15.92 -21.72
C MET B 18 -2.40 16.45 -21.65
N GLY B 19 -3.01 16.59 -22.82
CA GLY B 19 -4.40 17.01 -22.93
C GLY B 19 -5.29 16.01 -22.22
N ILE B 20 -4.99 14.72 -22.41
CA ILE B 20 -5.79 13.69 -21.76
C ILE B 20 -5.63 13.76 -20.24
N PHE B 21 -4.39 13.94 -19.78
CA PHE B 21 -4.12 14.13 -18.37
C PHE B 21 -4.91 15.32 -17.80
N GLU B 22 -4.88 16.46 -18.48
CA GLU B 22 -5.55 17.65 -17.96
C GLU B 22 -7.08 17.51 -17.87
N MET B 23 -7.67 16.67 -18.73
CA MET B 23 -9.12 16.38 -18.66
C MET B 23 -9.50 15.69 -17.37
N GLY B 24 -8.52 15.17 -16.64
CA GLY B 24 -8.80 14.32 -15.50
C GLY B 24 -8.97 12.85 -15.87
N TRP B 25 -8.67 12.47 -17.11
CA TRP B 25 -8.72 11.07 -17.52
C TRP B 25 -7.44 10.33 -17.12
N GLU B 26 -7.41 9.78 -15.91
CA GLU B 26 -6.19 9.16 -15.38
C GLU B 26 -5.86 7.83 -16.07
N LYS B 27 -6.87 6.97 -16.20
CA LYS B 27 -6.72 5.69 -16.88
C LYS B 27 -7.79 5.54 -17.96
N PRO B 28 -7.45 4.85 -19.06
CA PRO B 28 -8.50 4.61 -20.05
C PRO B 28 -9.64 3.79 -19.52
N SER B 29 -10.86 4.27 -19.74
CA SER B 29 -12.07 3.50 -19.44
C SER B 29 -12.14 2.28 -20.34
N PRO B 30 -12.98 1.30 -19.98
CA PRO B 30 -13.08 0.10 -20.83
C PRO B 30 -13.47 0.38 -22.29
N ILE B 31 -14.37 1.34 -22.51
CA ILE B 31 -14.74 1.71 -23.89
C ILE B 31 -13.53 2.28 -24.64
N GLN B 32 -12.68 3.01 -23.95
CA GLN B 32 -11.46 3.52 -24.56
C GLN B 32 -10.42 2.42 -24.78
N GLU B 33 -10.28 1.56 -23.78
CA GLU B 33 -9.24 0.53 -23.80
C GLU B 33 -9.34 -0.38 -25.02
N GLU B 34 -10.56 -0.63 -25.47
CA GLU B 34 -10.78 -1.46 -26.66
C GLU B 34 -10.87 -0.65 -27.98
N SER B 35 -11.63 0.44 -27.96
CA SER B 35 -11.86 1.27 -29.14
C SER B 35 -10.58 1.88 -29.75
N ILE B 36 -9.68 2.34 -28.90
CA ILE B 36 -8.51 3.11 -29.34
C ILE B 36 -7.48 2.35 -30.22
N PRO B 37 -7.00 1.19 -29.77
CA PRO B 37 -6.01 0.63 -30.69
C PRO B 37 -6.57 0.16 -32.04
N ILE B 38 -7.82 -0.30 -32.09
CA ILE B 38 -8.44 -0.70 -33.35
C ILE B 38 -8.56 0.50 -34.29
N ALA B 39 -9.04 1.61 -33.74
CA ALA B 39 -9.15 2.87 -34.48
C ALA B 39 -7.81 3.36 -35.00
N LEU B 40 -6.77 3.26 -34.17
CA LEU B 40 -5.44 3.65 -34.57
C LEU B 40 -4.86 2.79 -35.71
N SER B 41 -5.36 1.56 -35.88
CA SER B 41 -4.86 0.67 -36.94
C SER B 41 -5.46 1.01 -38.29
N GLY B 42 -6.50 1.83 -38.27
CA GLY B 42 -7.20 2.18 -39.49
C GLY B 42 -8.50 1.45 -39.77
N ARG B 43 -8.87 0.45 -38.98
CA ARG B 43 -10.12 -0.33 -39.19
C ARG B 43 -11.35 0.55 -39.12
N ASP B 44 -12.38 0.25 -39.90
CA ASP B 44 -13.67 0.85 -39.62
C ASP B 44 -14.19 0.27 -38.30
N ILE B 45 -15.02 1.03 -37.61
CA ILE B 45 -15.54 0.52 -36.34
C ILE B 45 -17.03 0.75 -36.34
N LEU B 46 -17.76 -0.23 -35.82
CA LEU B 46 -19.16 -0.10 -35.56
C LEU B 46 -19.32 -0.40 -34.09
N ALA B 47 -19.80 0.58 -33.33
CA ALA B 47 -19.76 0.41 -31.87
C ALA B 47 -21.10 0.72 -31.25
N ARG B 48 -21.58 -0.15 -30.37
CA ARG B 48 -22.78 0.19 -29.61
C ARG B 48 -22.36 0.97 -28.37
N ALA B 49 -22.93 2.16 -28.20
CA ALA B 49 -22.59 3.01 -27.06
C ALA B 49 -23.74 3.97 -26.76
N LYS B 50 -23.88 4.36 -25.49
CA LYS B 50 -25.02 5.18 -25.06
C LYS B 50 -24.93 6.57 -25.66
N ASN B 51 -26.09 7.20 -25.82
CA ASN B 51 -26.15 8.58 -26.29
C ASN B 51 -25.35 9.55 -25.43
N GLY B 52 -24.86 10.63 -26.03
CA GLY B 52 -24.17 11.69 -25.29
C GLY B 52 -22.65 11.66 -25.39
N THR B 53 -22.00 12.53 -24.61
CA THR B 53 -20.57 12.81 -24.78
C THR B 53 -19.63 11.90 -23.99
N GLY B 54 -20.19 10.98 -23.20
CA GLY B 54 -19.39 10.05 -22.44
C GLY B 54 -18.37 9.30 -23.28
N LYS B 55 -18.72 9.02 -24.53
CA LYS B 55 -17.88 8.22 -25.41
C LYS B 55 -17.02 9.05 -26.36
N SER B 56 -17.10 10.37 -26.25
CA SER B 56 -16.38 11.25 -27.18
C SER B 56 -14.90 11.02 -27.06
N GLY B 57 -14.46 10.78 -25.82
CA GLY B 57 -13.07 10.43 -25.58
C GLY B 57 -12.61 9.26 -26.43
N ALA B 58 -13.48 8.26 -26.61
CA ALA B 58 -13.12 7.04 -27.34
C ALA B 58 -12.80 7.26 -28.83
N TYR B 59 -13.37 8.30 -29.42
CA TYR B 59 -13.07 8.56 -30.81
C TYR B 59 -12.22 9.81 -31.03
N LEU B 60 -12.35 10.81 -30.15
CA LEU B 60 -11.55 12.04 -30.28
C LEU B 60 -10.07 11.74 -30.13
N ILE B 61 -9.74 10.78 -29.29
CA ILE B 61 -8.34 10.51 -29.05
C ILE B 61 -7.64 9.97 -30.33
N PRO B 62 -8.17 8.89 -30.95
CA PRO B 62 -7.49 8.47 -32.18
C PRO B 62 -7.65 9.48 -33.31
N LEU B 63 -8.78 10.17 -33.35
CA LEU B 63 -8.95 11.24 -34.32
C LEU B 63 -7.80 12.28 -34.22
N LEU B 64 -7.52 12.77 -33.00
CA LEU B 64 -6.51 13.82 -32.84
C LEU B 64 -5.14 13.24 -33.13
N GLU B 65 -4.94 11.99 -32.73
CA GLU B 65 -3.67 11.33 -32.95
C GLU B 65 -3.31 11.28 -34.43
N ARG B 66 -4.33 11.15 -35.29
CA ARG B 66 -4.12 10.96 -36.73
C ARG B 66 -3.94 12.27 -37.50
N LEU B 67 -4.25 13.39 -36.89
CA LEU B 67 -4.03 14.70 -37.52
C LEU B 67 -2.58 14.96 -37.91
N ASP B 68 -2.37 15.54 -39.09
CA ASP B 68 -1.08 16.08 -39.47
C ASP B 68 -1.19 17.61 -39.47
N LEU B 69 -0.63 18.25 -38.45
CA LEU B 69 -0.83 19.67 -38.23
C LEU B 69 -0.04 20.56 -39.18
N LYS B 70 0.82 19.96 -40.01
CA LYS B 70 1.51 20.74 -41.04
C LYS B 70 0.67 20.92 -42.31
N LYS B 71 -0.43 20.18 -42.39
CA LYS B 71 -1.35 20.28 -43.52
C LYS B 71 -2.50 21.21 -43.13
N ASP B 72 -2.85 22.12 -44.04
CA ASP B 72 -3.89 23.12 -43.79
C ASP B 72 -5.23 22.64 -44.36
N ASN B 73 -5.47 21.34 -44.27
CA ASN B 73 -6.66 20.74 -44.85
C ASN B 73 -7.52 20.16 -43.74
N ILE B 74 -8.84 20.19 -43.94
CA ILE B 74 -9.75 19.43 -43.12
C ILE B 74 -9.36 17.96 -43.24
N GLN B 75 -9.12 17.30 -42.11
CA GLN B 75 -8.64 15.94 -42.14
C GLN B 75 -9.57 14.96 -41.45
N ALA B 76 -10.45 15.48 -40.63
CA ALA B 76 -11.32 14.62 -39.87
C ALA B 76 -12.64 15.34 -39.63
N MET B 77 -13.73 14.57 -39.60
CA MET B 77 -15.06 15.12 -39.42
C MET B 77 -15.83 14.31 -38.39
N VAL B 78 -16.54 15.00 -37.51
CA VAL B 78 -17.46 14.35 -36.60
C VAL B 78 -18.86 14.85 -36.90
N ILE B 79 -19.75 13.93 -37.25
CA ILE B 79 -21.13 14.28 -37.54
C ILE B 79 -22.00 13.90 -36.33
N VAL B 80 -22.81 14.85 -35.85
CA VAL B 80 -23.71 14.60 -34.73
C VAL B 80 -25.08 15.10 -35.14
N PRO B 81 -26.15 14.62 -34.48
CA PRO B 81 -27.50 15.01 -34.93
C PRO B 81 -28.01 16.37 -34.41
N THR B 82 -27.54 16.84 -33.26
CA THR B 82 -28.05 18.10 -32.69
C THR B 82 -26.94 19.13 -32.49
N ARG B 83 -27.36 20.39 -32.42
CA ARG B 83 -26.44 21.51 -32.25
C ARG B 83 -25.78 21.45 -30.87
N GLU B 84 -26.54 21.02 -29.86
CA GLU B 84 -26.05 20.94 -28.51
C GLU B 84 -24.89 19.95 -28.43
N LEU B 85 -25.09 18.77 -29.00
CA LEU B 85 -24.07 17.72 -29.00
C LEU B 85 -22.82 18.17 -29.76
N ALA B 86 -23.00 18.95 -30.83
CA ALA B 86 -21.85 19.49 -31.57
C ALA B 86 -21.03 20.46 -30.72
N LEU B 87 -21.70 21.33 -29.97
CA LEU B 87 -20.99 22.25 -29.09
C LEU B 87 -20.20 21.49 -28.02
N GLN B 88 -20.85 20.52 -27.39
CA GLN B 88 -20.20 19.70 -26.38
C GLN B 88 -19.00 18.92 -26.90
N VAL B 89 -19.17 18.30 -28.06
CA VAL B 89 -18.10 17.48 -28.60
C VAL B 89 -16.92 18.39 -28.99
N SER B 90 -17.21 19.55 -29.56
CA SER B 90 -16.13 20.48 -29.96
C SER B 90 -15.40 21.05 -28.76
N GLN B 91 -16.13 21.38 -27.71
CA GLN B 91 -15.50 21.86 -26.49
C GLN B 91 -14.52 20.84 -25.94
N ILE B 92 -14.94 19.58 -25.90
CA ILE B 92 -14.08 18.53 -25.38
C ILE B 92 -12.85 18.40 -26.28
N CYS B 93 -13.07 18.40 -27.59
CA CYS B 93 -12.00 18.22 -28.55
C CYS B 93 -10.96 19.33 -28.42
N ILE B 94 -11.41 20.56 -28.23
CA ILE B 94 -10.53 21.71 -28.00
C ILE B 94 -9.68 21.58 -26.71
N GLN B 95 -10.32 21.18 -25.62
CA GLN B 95 -9.60 20.95 -24.36
C GLN B 95 -8.61 19.77 -24.47
N VAL B 96 -9.02 18.70 -25.13
CA VAL B 96 -8.13 17.55 -25.23
C VAL B 96 -6.89 17.87 -26.05
N SER B 97 -7.04 18.72 -27.05
CA SER B 97 -5.97 19.01 -27.98
C SER B 97 -5.22 20.31 -27.71
N LYS B 98 -5.40 20.91 -26.53
CA LYS B 98 -4.87 22.25 -26.24
C LYS B 98 -3.34 22.34 -26.20
N HIS B 99 -2.65 21.22 -26.07
CA HIS B 99 -1.20 21.23 -26.01
C HIS B 99 -0.58 20.86 -27.36
N MET B 100 -1.40 20.50 -28.33
CA MET B 100 -0.85 19.95 -29.57
C MET B 100 -0.23 20.99 -30.51
N GLY B 101 -0.42 22.26 -30.20
CA GLY B 101 0.19 23.32 -30.97
C GLY B 101 -0.32 23.43 -32.39
N GLY B 102 -1.54 23.95 -32.52
CA GLY B 102 -2.04 24.39 -33.81
C GLY B 102 -3.21 23.63 -34.34
N ALA B 103 -3.70 22.65 -33.59
CA ALA B 103 -4.87 21.87 -33.99
C ALA B 103 -6.08 22.79 -34.05
N LYS B 104 -6.63 22.97 -35.24
CA LYS B 104 -7.77 23.87 -35.40
C LYS B 104 -9.07 23.09 -35.47
N VAL B 105 -9.93 23.35 -34.49
CA VAL B 105 -11.18 22.64 -34.36
C VAL B 105 -12.30 23.65 -34.58
N MET B 106 -13.34 23.23 -35.31
CA MET B 106 -14.46 24.11 -35.59
C MET B 106 -15.80 23.35 -35.51
N ALA B 107 -16.77 23.94 -34.84
CA ALA B 107 -18.11 23.38 -34.81
C ALA B 107 -19.00 24.18 -35.75
N THR B 108 -19.76 23.49 -36.59
CA THR B 108 -20.66 24.19 -37.49
C THR B 108 -22.03 23.50 -37.62
N THR B 109 -23.08 24.23 -37.29
CA THR B 109 -24.41 23.68 -37.23
C THR B 109 -25.47 24.72 -37.67
N GLY B 110 -26.72 24.29 -37.69
CA GLY B 110 -27.83 25.20 -37.90
C GLY B 110 -27.87 26.29 -36.83
N GLY B 111 -27.26 26.03 -35.68
CA GLY B 111 -27.21 27.02 -34.62
C GLY B 111 -26.20 28.13 -34.83
N THR B 112 -25.13 27.81 -35.56
CA THR B 112 -24.09 28.78 -35.86
C THR B 112 -24.39 29.50 -37.16
N ASN B 113 -23.83 30.70 -37.35
CA ASN B 113 -24.19 31.51 -38.51
C ASN B 113 -23.44 31.07 -39.77
N LEU B 114 -24.19 30.89 -40.86
CA LEU B 114 -23.61 30.32 -42.07
C LEU B 114 -22.51 31.21 -42.61
N ARG B 115 -22.85 32.48 -42.80
CA ARG B 115 -21.92 33.49 -43.28
C ARG B 115 -20.64 33.45 -42.45
N ASP B 116 -20.77 33.37 -41.14
CA ASP B 116 -19.60 33.40 -40.26
C ASP B 116 -18.75 32.14 -40.33
N ASP B 117 -19.40 31.00 -40.55
CA ASP B 117 -18.68 29.75 -40.70
C ASP B 117 -17.87 29.75 -42.00
N ILE B 118 -18.46 30.29 -43.06
CA ILE B 118 -17.79 30.47 -44.35
C ILE B 118 -16.49 31.25 -44.18
N MET B 119 -16.58 32.39 -43.49
CA MET B 119 -15.44 33.25 -43.20
C MET B 119 -14.38 32.47 -42.42
N ARG B 120 -14.83 31.75 -41.41
CA ARG B 120 -13.95 30.93 -40.59
C ARG B 120 -13.19 29.89 -41.42
N LEU B 121 -13.89 29.25 -42.36
CA LEU B 121 -13.26 28.22 -43.18
C LEU B 121 -12.26 28.79 -44.22
N ASP B 122 -12.20 30.12 -44.31
CA ASP B 122 -11.13 30.79 -45.06
C ASP B 122 -9.76 30.47 -44.44
N ASP B 123 -9.76 30.20 -43.13
CA ASP B 123 -8.53 29.88 -42.43
C ASP B 123 -8.45 28.36 -42.17
N THR B 124 -7.29 27.91 -41.71
CA THR B 124 -7.06 26.49 -41.47
C THR B 124 -8.01 25.86 -40.44
N VAL B 125 -8.73 24.84 -40.87
CA VAL B 125 -9.49 23.99 -39.95
C VAL B 125 -9.10 22.54 -40.23
N HIS B 126 -8.74 21.81 -39.17
CA HIS B 126 -8.28 20.44 -39.32
C HIS B 126 -9.41 19.46 -39.04
N VAL B 127 -10.23 19.83 -38.06
CA VAL B 127 -11.33 19.01 -37.59
C VAL B 127 -12.61 19.80 -37.63
N VAL B 128 -13.60 19.26 -38.31
CA VAL B 128 -14.91 19.85 -38.34
C VAL B 128 -15.89 18.98 -37.55
N ILE B 129 -16.67 19.61 -36.69
CA ILE B 129 -17.68 18.94 -35.91
C ILE B 129 -18.97 19.60 -36.29
N ALA B 130 -19.89 18.84 -36.89
CA ALA B 130 -21.03 19.45 -37.57
C ALA B 130 -22.33 18.67 -37.53
N THR B 131 -23.44 19.37 -37.73
CA THR B 131 -24.71 18.70 -38.01
C THR B 131 -24.80 18.39 -39.51
N PRO B 132 -25.59 17.37 -39.90
CA PRO B 132 -25.45 16.87 -41.27
C PRO B 132 -25.81 17.90 -42.34
N GLY B 133 -26.93 18.58 -42.17
CA GLY B 133 -27.40 19.51 -43.18
C GLY B 133 -26.35 20.57 -43.47
N ARG B 134 -25.84 21.18 -42.41
CA ARG B 134 -24.88 22.28 -42.54
C ARG B 134 -23.60 21.84 -43.27
N ILE B 135 -23.00 20.73 -42.86
CA ILE B 135 -21.74 20.31 -43.45
C ILE B 135 -21.93 19.91 -44.93
N LEU B 136 -23.05 19.27 -45.27
CA LEU B 136 -23.32 18.95 -46.66
C LEU B 136 -23.40 20.22 -47.51
N ASP B 137 -24.06 21.24 -46.96
CA ASP B 137 -24.15 22.54 -47.63
C ASP B 137 -22.79 23.20 -47.89
N LEU B 138 -21.91 23.21 -46.89
CA LEU B 138 -20.56 23.76 -47.04
C LEU B 138 -19.72 22.98 -48.06
N ILE B 139 -19.83 21.65 -48.04
CA ILE B 139 -19.13 20.82 -49.00
C ILE B 139 -19.60 21.13 -50.43
N LYS B 140 -20.92 21.24 -50.60
CA LYS B 140 -21.53 21.50 -51.90
C LYS B 140 -21.20 22.90 -52.44
N LYS B 141 -20.93 23.84 -51.55
CA LYS B 141 -20.59 25.21 -51.96
C LYS B 141 -19.10 25.36 -52.22
N GLY B 142 -18.35 24.30 -51.91
CA GLY B 142 -16.91 24.29 -52.13
C GLY B 142 -16.14 25.01 -51.04
N VAL B 143 -16.82 25.28 -49.94
CA VAL B 143 -16.21 25.97 -48.82
C VAL B 143 -15.48 24.99 -47.89
N ALA B 144 -16.14 23.89 -47.55
CA ALA B 144 -15.45 22.81 -46.86
C ALA B 144 -14.90 21.86 -47.91
N LYS B 145 -13.60 21.89 -48.13
CA LYS B 145 -12.96 20.98 -49.08
C LYS B 145 -12.53 19.73 -48.31
N VAL B 146 -13.02 18.57 -48.74
CA VAL B 146 -12.92 17.36 -47.92
C VAL B 146 -12.12 16.26 -48.61
N ASP B 147 -11.38 16.61 -49.65
CA ASP B 147 -10.60 15.61 -50.38
C ASP B 147 -9.40 15.06 -49.58
N HIS B 148 -9.21 15.58 -48.37
CA HIS B 148 -8.13 15.09 -47.49
C HIS B 148 -8.70 14.47 -46.21
N VAL B 149 -10.02 14.39 -46.11
CA VAL B 149 -10.64 13.78 -44.96
C VAL B 149 -10.34 12.29 -44.97
N GLN B 150 -9.62 11.82 -43.97
CA GLN B 150 -9.27 10.42 -43.92
C GLN B 150 -10.03 9.71 -42.81
N MET B 151 -10.77 10.48 -42.03
CA MET B 151 -11.53 9.90 -40.94
C MET B 151 -12.83 10.65 -40.72
N ILE B 152 -13.92 9.91 -40.64
CA ILE B 152 -15.20 10.50 -40.29
C ILE B 152 -15.85 9.73 -39.15
N VAL B 153 -16.39 10.45 -38.17
CA VAL B 153 -17.05 9.76 -37.08
C VAL B 153 -18.54 10.00 -37.20
N LEU B 154 -19.34 8.93 -37.13
CA LEU B 154 -20.79 9.14 -37.05
C LEU B 154 -21.22 8.87 -35.63
N ASP B 155 -21.58 9.93 -34.92
CA ASP B 155 -21.92 9.84 -33.51
C ASP B 155 -23.45 9.88 -33.36
N GLU B 156 -23.99 8.85 -32.73
CA GLU B 156 -25.43 8.58 -32.69
C GLU B 156 -25.97 8.29 -34.10
N ALA B 157 -25.50 7.19 -34.67
CA ALA B 157 -25.82 6.85 -36.05
C ALA B 157 -27.30 6.55 -36.26
N ASP B 158 -27.96 5.97 -35.27
CA ASP B 158 -29.39 5.69 -35.42
C ASP B 158 -30.15 6.97 -35.74
N LYS B 159 -29.82 8.06 -35.06
CA LYS B 159 -30.45 9.35 -35.34
C LYS B 159 -29.97 9.95 -36.66
N LEU B 160 -28.70 9.79 -36.97
CA LEU B 160 -28.16 10.29 -38.24
C LEU B 160 -28.76 9.57 -39.44
N LEU B 161 -29.22 8.35 -39.23
CA LEU B 161 -29.69 7.56 -40.37
C LEU B 161 -31.20 7.32 -40.35
N SER B 162 -31.90 8.10 -39.54
CA SER B 162 -33.35 8.12 -39.57
C SER B 162 -33.76 8.83 -40.83
N GLN B 163 -35.06 8.82 -41.13
CA GLN B 163 -35.61 9.40 -42.37
C GLN B 163 -35.27 10.87 -42.56
N ASP B 164 -35.05 11.59 -41.47
CA ASP B 164 -34.73 13.01 -41.56
C ASP B 164 -33.38 13.29 -42.21
N PHE B 165 -32.41 12.41 -41.97
CA PHE B 165 -31.04 12.69 -42.34
C PHE B 165 -30.37 11.66 -43.23
N VAL B 166 -31.01 10.51 -43.43
CA VAL B 166 -30.32 9.38 -44.07
C VAL B 166 -29.77 9.68 -45.47
N GLN B 167 -30.55 10.40 -46.27
CA GLN B 167 -30.08 10.81 -47.59
C GLN B 167 -28.96 11.87 -47.52
N ILE B 168 -29.07 12.82 -46.60
CA ILE B 168 -28.01 13.81 -46.40
C ILE B 168 -26.68 13.14 -46.03
N MET B 169 -26.74 12.21 -45.08
CA MET B 169 -25.59 11.37 -44.72
C MET B 169 -24.99 10.64 -45.92
N GLU B 170 -25.86 10.11 -46.77
CA GLU B 170 -25.44 9.42 -47.98
C GLU B 170 -24.69 10.38 -48.88
N ASP B 171 -25.26 11.56 -49.09
CA ASP B 171 -24.61 12.59 -49.87
C ASP B 171 -23.23 12.95 -49.33
N ILE B 172 -23.10 13.08 -48.01
CA ILE B 172 -21.81 13.45 -47.39
C ILE B 172 -20.72 12.42 -47.69
N ILE B 173 -21.02 11.17 -47.36
CA ILE B 173 -20.09 10.07 -47.53
C ILE B 173 -19.55 10.02 -48.96
N LEU B 174 -20.42 10.26 -49.92
CA LEU B 174 -20.05 10.19 -51.32
C LEU B 174 -19.11 11.30 -51.77
N THR B 175 -18.92 12.32 -50.94
CA THR B 175 -17.99 13.41 -51.31
C THR B 175 -16.61 13.14 -50.75
N LEU B 176 -16.52 12.14 -49.88
CA LEU B 176 -15.27 11.87 -49.20
C LEU B 176 -14.43 10.91 -50.03
N PRO B 177 -13.11 10.88 -49.80
CA PRO B 177 -12.25 9.88 -50.45
C PRO B 177 -12.73 8.48 -50.09
N LYS B 178 -12.64 7.57 -51.06
CA LYS B 178 -13.24 6.24 -50.95
C LYS B 178 -12.64 5.37 -49.83
N ASN B 179 -11.41 5.64 -49.44
CA ASN B 179 -10.73 4.82 -48.45
C ASN B 179 -10.88 5.35 -47.03
N ARG B 180 -11.70 6.37 -46.86
CA ARG B 180 -11.78 7.07 -45.60
C ARG B 180 -12.18 6.11 -44.51
N GLN B 181 -11.53 6.24 -43.35
CA GLN B 181 -11.89 5.46 -42.20
C GLN B 181 -13.22 5.94 -41.63
N ILE B 182 -14.14 5.02 -41.36
CA ILE B 182 -15.43 5.40 -40.75
C ILE B 182 -15.60 4.73 -39.40
N LEU B 183 -15.91 5.51 -38.37
CA LEU B 183 -16.14 4.97 -37.05
C LEU B 183 -17.56 5.33 -36.68
N LEU B 184 -18.35 4.33 -36.36
CA LEU B 184 -19.77 4.56 -36.15
C LEU B 184 -20.12 4.19 -34.74
N TYR B 185 -20.83 5.09 -34.05
CA TYR B 185 -21.28 4.86 -32.67
C TYR B 185 -22.78 5.06 -32.64
N SER B 186 -23.50 4.15 -32.00
CA SER B 186 -24.95 4.23 -31.99
C SER B 186 -25.47 3.45 -30.79
N ALA B 187 -26.57 3.91 -30.21
CA ALA B 187 -27.20 3.20 -29.11
C ALA B 187 -28.02 2.01 -29.62
N THR B 188 -28.62 2.15 -30.80
CA THR B 188 -29.40 1.06 -31.37
C THR B 188 -28.96 0.81 -32.80
N PHE B 189 -29.34 -0.35 -33.33
CA PHE B 189 -29.01 -0.75 -34.70
C PHE B 189 -30.22 -1.25 -35.45
N PRO B 190 -31.11 -0.34 -35.84
CA PRO B 190 -32.27 -0.66 -36.66
C PRO B 190 -31.82 -0.93 -38.09
N LEU B 191 -32.79 -1.21 -38.96
CA LEU B 191 -32.49 -1.56 -40.34
C LEU B 191 -31.68 -0.48 -41.06
N SER B 192 -32.02 0.77 -40.81
CA SER B 192 -31.35 1.89 -41.45
C SER B 192 -29.84 1.85 -41.20
N VAL B 193 -29.45 1.56 -39.97
CA VAL B 193 -28.03 1.51 -39.61
C VAL B 193 -27.33 0.30 -40.24
N GLN B 194 -27.99 -0.84 -40.24
CA GLN B 194 -27.48 -2.05 -40.89
C GLN B 194 -27.24 -1.82 -42.38
N LYS B 195 -28.18 -1.16 -43.05
CA LYS B 195 -28.02 -0.85 -44.48
C LYS B 195 -26.78 -0.03 -44.73
N PHE B 196 -26.64 1.04 -43.95
CA PHE B 196 -25.50 1.93 -44.09
C PHE B 196 -24.21 1.13 -43.87
N MET B 197 -24.23 0.24 -42.87
CA MET B 197 -23.06 -0.57 -42.55
C MET B 197 -22.58 -1.38 -43.73
N ASN B 198 -23.50 -2.13 -44.33
CA ASN B 198 -23.17 -3.00 -45.45
C ASN B 198 -22.68 -2.26 -46.67
N SER B 199 -23.29 -1.11 -46.93
CA SER B 199 -22.92 -0.31 -48.10
C SER B 199 -21.55 0.35 -47.94
N HIS B 200 -21.25 0.86 -46.74
CA HIS B 200 -20.11 1.77 -46.62
C HIS B 200 -18.94 1.31 -45.76
N LEU B 201 -19.21 0.54 -44.71
CA LEU B 201 -18.14 0.14 -43.78
C LEU B 201 -17.37 -1.03 -44.37
N GLN B 202 -16.04 -0.95 -44.33
CA GLN B 202 -15.22 -2.04 -44.86
C GLN B 202 -14.83 -3.01 -43.76
N LYS B 203 -15.56 -4.12 -43.70
CA LYS B 203 -15.34 -5.20 -42.73
C LYS B 203 -15.07 -4.68 -41.31
N PRO B 204 -16.03 -3.96 -40.74
CA PRO B 204 -15.85 -3.24 -39.48
C PRO B 204 -15.55 -4.16 -38.30
N TYR B 205 -14.76 -3.66 -37.36
CA TYR B 205 -14.61 -4.30 -36.07
C TYR B 205 -15.86 -3.90 -35.30
N GLU B 206 -16.64 -4.88 -34.85
CA GLU B 206 -17.89 -4.58 -34.14
C GLU B 206 -17.78 -4.86 -32.64
N ILE B 207 -18.03 -3.84 -31.81
CA ILE B 207 -18.01 -3.96 -30.34
C ILE B 207 -19.23 -3.44 -29.63
N ASN B 208 -19.75 -4.20 -28.67
CA ASN B 208 -20.76 -3.64 -27.80
C ASN B 208 -20.03 -2.95 -26.63
N LEU B 209 -20.02 -1.62 -26.67
CA LEU B 209 -19.34 -0.82 -25.67
C LEU B 209 -20.30 -0.09 -24.76
N MET B 210 -21.45 -0.70 -24.49
CA MET B 210 -22.42 -0.07 -23.60
C MET B 210 -22.26 -0.39 -22.14
N GLU B 211 -22.15 0.66 -21.35
CA GLU B 211 -22.10 0.56 -19.89
C GLU B 211 -23.54 0.53 -19.41
N GLU B 212 -24.01 -0.62 -18.93
CA GLU B 212 -25.38 -0.67 -18.44
C GLU B 212 -25.58 0.11 -17.14
N LEU B 213 -26.80 0.59 -16.90
CA LEU B 213 -27.11 1.33 -15.69
C LEU B 213 -27.17 0.39 -14.48
N THR B 214 -26.30 0.62 -13.51
CA THR B 214 -26.33 -0.16 -12.28
C THR B 214 -26.80 0.68 -11.09
N LEU B 215 -27.38 0.02 -10.09
CA LEU B 215 -27.70 0.70 -8.85
C LEU B 215 -26.58 0.51 -7.84
N LYS B 216 -25.52 -0.20 -8.24
CA LYS B 216 -24.39 -0.46 -7.36
C LYS B 216 -23.73 0.86 -6.98
N GLY B 217 -23.44 1.04 -5.69
CA GLY B 217 -22.78 2.25 -5.26
C GLY B 217 -23.73 3.26 -4.65
N VAL B 218 -25.02 3.17 -5.01
CA VAL B 218 -25.97 4.15 -4.52
C VAL B 218 -26.71 3.63 -3.28
N THR B 219 -26.63 4.39 -2.20
CA THR B 219 -27.43 4.11 -1.03
C THR B 219 -28.84 4.65 -1.25
N GLN B 220 -29.84 3.79 -1.12
CA GLN B 220 -31.20 4.18 -1.43
C GLN B 220 -32.09 4.12 -0.19
N TYR B 221 -32.78 5.20 0.08
CA TYR B 221 -33.68 5.21 1.19
C TYR B 221 -35.09 5.49 0.74
N TYR B 222 -36.04 5.16 1.61
CA TYR B 222 -37.40 5.60 1.42
C TYR B 222 -37.92 6.13 2.74
N ALA B 223 -38.82 7.11 2.65
CA ALA B 223 -39.47 7.59 3.85
C ALA B 223 -40.95 7.71 3.55
N TYR B 224 -41.78 7.10 4.40
CA TYR B 224 -43.23 7.23 4.33
C TYR B 224 -43.64 8.61 4.80
N VAL B 225 -44.32 9.31 3.92
CA VAL B 225 -44.76 10.65 4.21
C VAL B 225 -46.05 10.90 3.45
N THR B 226 -46.98 11.60 4.09
CA THR B 226 -48.18 12.03 3.40
C THR B 226 -47.82 13.14 2.43
N GLU B 227 -48.68 13.37 1.45
CA GLU B 227 -48.50 14.44 0.50
C GLU B 227 -48.36 15.77 1.26
N ARG B 228 -49.12 15.93 2.34
CA ARG B 228 -49.12 17.15 3.15
C ARG B 228 -47.75 17.45 3.76
N GLN B 229 -46.99 16.42 4.08
CA GLN B 229 -45.70 16.59 4.74
C GLN B 229 -44.48 16.49 3.83
N LYS B 230 -44.65 16.34 2.51
CA LYS B 230 -43.49 16.13 1.63
C LYS B 230 -42.49 17.27 1.64
N VAL B 231 -42.98 18.51 1.54
CA VAL B 231 -42.08 19.63 1.51
C VAL B 231 -41.30 19.74 2.84
N HIS B 232 -42.02 19.58 3.96
CA HIS B 232 -41.38 19.52 5.27
C HIS B 232 -40.31 18.42 5.35
N CYS B 233 -40.61 17.28 4.76
CA CYS B 233 -39.67 16.18 4.76
C CYS B 233 -38.48 16.61 3.93
N LEU B 234 -38.76 17.28 2.83
CA LEU B 234 -37.68 17.78 1.96
C LEU B 234 -36.77 18.74 2.73
N ASN B 235 -37.38 19.64 3.50
CA ASN B 235 -36.63 20.58 4.34
C ASN B 235 -35.70 19.89 5.33
N THR B 236 -36.15 18.78 5.89
CA THR B 236 -35.34 17.97 6.79
C THR B 236 -34.12 17.43 6.05
N LEU B 237 -34.36 16.84 4.88
CA LEU B 237 -33.29 16.27 4.08
C LEU B 237 -32.19 17.29 3.78
N PHE B 238 -32.59 18.50 3.40
CA PHE B 238 -31.65 19.58 3.07
C PHE B 238 -31.01 20.25 4.30
N SER B 239 -31.39 19.77 5.47
CA SER B 239 -30.81 20.22 6.71
C SER B 239 -29.92 19.16 7.33
N ARG B 240 -29.90 17.98 6.72
CA ARG B 240 -29.21 16.82 7.30
C ARG B 240 -28.19 16.18 6.37
N LEU B 241 -28.37 16.33 5.05
CA LEU B 241 -27.45 15.71 4.12
C LEU B 241 -26.33 16.67 3.73
N GLN B 242 -25.24 16.12 3.21
CA GLN B 242 -24.25 16.93 2.51
C GLN B 242 -24.56 16.85 1.01
N ILE B 243 -25.10 17.93 0.48
CA ILE B 243 -25.52 17.96 -0.91
C ILE B 243 -24.63 18.88 -1.71
N ASN B 244 -23.91 18.33 -2.68
CA ASN B 244 -23.10 19.14 -3.56
C ASN B 244 -24.06 19.77 -4.55
N GLN B 245 -24.61 18.96 -5.45
CA GLN B 245 -25.74 19.39 -6.23
C GLN B 245 -26.74 18.25 -6.21
N SER B 246 -28.01 18.56 -6.35
CA SER B 246 -29.00 17.51 -6.36
C SER B 246 -29.97 17.65 -7.52
N ILE B 247 -30.63 16.56 -7.85
CA ILE B 247 -31.73 16.58 -8.79
C ILE B 247 -32.98 16.06 -8.07
N ILE B 248 -34.05 16.83 -8.17
CA ILE B 248 -35.31 16.46 -7.55
C ILE B 248 -36.32 16.15 -8.65
N PHE B 249 -36.70 14.88 -8.74
CA PHE B 249 -37.65 14.43 -9.77
C PHE B 249 -39.09 14.50 -9.28
N CYS B 250 -39.96 15.11 -10.08
CA CYS B 250 -41.40 15.02 -9.86
C CYS B 250 -42.05 14.27 -11.00
N ASN B 251 -43.33 13.93 -10.87
CA ASN B 251 -44.03 13.09 -11.84
C ASN B 251 -44.80 13.82 -12.92
N SER B 252 -44.80 15.16 -12.92
CA SER B 252 -45.42 15.91 -13.99
C SER B 252 -44.83 17.30 -14.09
N SER B 253 -44.97 17.91 -15.26
CA SER B 253 -44.47 19.26 -15.47
C SER B 253 -45.13 20.26 -14.54
N GLN B 254 -46.42 20.10 -14.32
CA GLN B 254 -47.12 20.99 -13.40
C GLN B 254 -46.57 20.93 -11.97
N ARG B 255 -46.26 19.73 -11.48
CA ARG B 255 -45.81 19.61 -10.11
C ARG B 255 -44.37 20.12 -9.92
N VAL B 256 -43.56 20.02 -10.96
CA VAL B 256 -42.21 20.55 -10.95
C VAL B 256 -42.25 22.06 -10.72
N GLU B 257 -43.11 22.74 -11.47
CA GLU B 257 -43.25 24.18 -11.34
C GLU B 257 -43.69 24.59 -9.94
N LEU B 258 -44.81 24.04 -9.50
CA LEU B 258 -45.35 24.38 -8.19
C LEU B 258 -44.31 24.13 -7.08
N LEU B 259 -43.62 22.99 -7.15
CA LEU B 259 -42.60 22.67 -6.18
C LEU B 259 -41.45 23.68 -6.22
N ALA B 260 -40.97 23.99 -7.42
CA ALA B 260 -39.85 24.91 -7.56
C ALA B 260 -40.21 26.27 -6.97
N LYS B 261 -41.42 26.73 -7.24
CA LYS B 261 -41.87 28.01 -6.71
C LYS B 261 -41.87 28.01 -5.19
N LYS B 262 -42.46 26.97 -4.62
CA LYS B 262 -42.55 26.81 -3.17
C LYS B 262 -41.15 26.82 -2.55
N ILE B 263 -40.27 25.95 -3.01
CA ILE B 263 -38.96 25.86 -2.38
C ILE B 263 -38.06 27.07 -2.67
N SER B 264 -38.31 27.77 -3.77
CA SER B 264 -37.54 28.97 -4.05
C SER B 264 -37.83 29.99 -2.97
N GLN B 265 -39.09 30.07 -2.57
CA GLN B 265 -39.49 30.96 -1.49
C GLN B 265 -38.99 30.53 -0.11
N LEU B 266 -38.58 29.27 0.02
CA LEU B 266 -38.11 28.78 1.30
C LEU B 266 -36.61 28.98 1.46
N GLY B 267 -35.99 29.61 0.46
CA GLY B 267 -34.56 29.87 0.49
C GLY B 267 -33.68 28.86 -0.21
N TYR B 268 -34.27 27.93 -0.96
CA TYR B 268 -33.52 26.93 -1.73
C TYR B 268 -32.87 27.57 -2.94
N SER B 269 -31.75 27.03 -3.35
CA SER B 269 -31.15 27.42 -4.61
C SER B 269 -31.55 26.40 -5.68
N CYS B 270 -32.42 26.81 -6.60
CA CYS B 270 -32.87 25.88 -7.60
C CYS B 270 -33.30 26.48 -8.92
N PHE B 271 -33.21 25.66 -9.96
CA PHE B 271 -33.80 25.94 -11.26
C PHE B 271 -34.76 24.79 -11.56
N TYR B 272 -35.66 24.98 -12.50
CA TYR B 272 -36.51 23.88 -12.91
C TYR B 272 -36.56 23.70 -14.41
N ILE B 273 -36.74 22.46 -14.83
CA ILE B 273 -36.79 22.08 -16.23
C ILE B 273 -37.96 21.12 -16.42
N HIS B 274 -38.76 21.35 -17.46
CA HIS B 274 -39.78 20.36 -17.81
C HIS B 274 -40.12 20.37 -19.29
N ALA B 275 -41.14 19.58 -19.64
CA ALA B 275 -41.45 19.28 -21.03
C ALA B 275 -42.03 20.45 -21.80
N LYS B 276 -42.83 21.27 -21.13
CA LYS B 276 -43.47 22.42 -21.76
C LYS B 276 -42.54 23.65 -21.85
N MET B 277 -41.27 23.39 -22.18
CA MET B 277 -40.30 24.47 -22.40
C MET B 277 -39.62 24.27 -23.73
N ARG B 278 -39.31 25.37 -24.42
CA ARG B 278 -38.52 25.31 -25.63
C ARG B 278 -37.17 24.65 -25.32
N GLN B 279 -36.59 23.96 -26.29
CA GLN B 279 -35.35 23.23 -26.05
C GLN B 279 -34.21 24.19 -25.75
N GLU B 280 -34.17 25.31 -26.46
CA GLU B 280 -33.11 26.29 -26.25
C GLU B 280 -33.08 26.75 -24.81
N HIS B 281 -34.25 26.88 -24.21
CA HIS B 281 -34.33 27.26 -22.81
C HIS B 281 -33.89 26.12 -21.90
N ARG B 282 -34.29 24.91 -22.26
CA ARG B 282 -33.87 23.73 -21.49
C ARG B 282 -32.35 23.68 -21.49
N ASN B 283 -31.76 23.86 -22.66
CA ASN B 283 -30.32 23.83 -22.81
C ASN B 283 -29.63 24.89 -21.96
N ARG B 284 -30.22 26.08 -21.90
CA ARG B 284 -29.68 27.18 -21.12
C ARG B 284 -29.69 26.82 -19.63
N VAL B 285 -30.80 26.24 -19.17
CA VAL B 285 -30.92 25.83 -17.77
C VAL B 285 -29.92 24.73 -17.44
N PHE B 286 -29.76 23.77 -18.34
CA PHE B 286 -28.83 22.69 -18.08
C PHE B 286 -27.39 23.21 -17.98
N HIS B 287 -27.01 24.12 -18.89
CA HIS B 287 -25.70 24.76 -18.84
C HIS B 287 -25.47 25.49 -17.53
N ASP B 288 -26.46 26.25 -17.08
CA ASP B 288 -26.30 27.01 -15.86
C ASP B 288 -26.11 26.08 -14.67
N PHE B 289 -26.94 25.05 -14.62
CA PHE B 289 -26.89 24.06 -13.55
C PHE B 289 -25.53 23.36 -13.52
N ARG B 290 -25.08 22.88 -14.68
CA ARG B 290 -23.77 22.23 -14.77
C ARG B 290 -22.66 23.19 -14.38
N ASN B 291 -22.88 24.49 -14.58
CA ASN B 291 -21.87 25.48 -14.21
C ASN B 291 -21.95 25.93 -12.76
N GLY B 292 -22.84 25.29 -12.00
CA GLY B 292 -22.96 25.57 -10.59
C GLY B 292 -23.71 26.84 -10.21
N LEU B 293 -24.51 27.42 -11.11
CA LEU B 293 -25.22 28.67 -10.77
C LEU B 293 -26.39 28.45 -9.82
N CYS B 294 -26.81 27.19 -9.67
CA CYS B 294 -27.77 26.82 -8.63
C CYS B 294 -27.39 25.44 -8.10
N ARG B 295 -27.92 25.10 -6.94
CA ARG B 295 -27.55 23.88 -6.26
C ARG B 295 -28.48 22.68 -6.56
N ASN B 296 -29.73 22.95 -6.90
CA ASN B 296 -30.69 21.88 -7.12
C ASN B 296 -31.51 22.13 -8.36
N LEU B 297 -31.72 21.06 -9.11
CA LEU B 297 -32.58 21.12 -10.28
C LEU B 297 -33.85 20.29 -10.04
N VAL B 298 -35.00 20.92 -10.24
CA VAL B 298 -36.27 20.23 -10.16
C VAL B 298 -36.71 19.87 -11.58
N CYS B 299 -37.05 18.61 -11.81
CA CYS B 299 -37.40 18.23 -13.17
C CYS B 299 -38.24 16.97 -13.29
N THR B 300 -38.72 16.75 -14.50
CA THR B 300 -39.40 15.52 -14.84
C THR B 300 -38.40 14.51 -15.42
N ASP B 301 -38.93 13.35 -15.81
CA ASP B 301 -38.16 12.31 -16.44
C ASP B 301 -37.71 12.65 -17.86
N LEU B 302 -37.98 13.88 -18.31
CA LEU B 302 -37.57 14.27 -19.65
C LEU B 302 -36.12 14.71 -19.62
N PHE B 303 -35.61 15.03 -18.44
CA PHE B 303 -34.22 15.46 -18.31
C PHE B 303 -33.34 14.24 -18.08
N THR B 304 -32.58 13.88 -19.11
CA THR B 304 -31.75 12.68 -19.03
C THR B 304 -30.27 12.95 -18.87
N ARG B 305 -29.90 14.22 -18.69
CA ARG B 305 -28.49 14.59 -18.73
C ARG B 305 -27.85 14.68 -17.36
N GLY B 306 -28.61 14.41 -16.30
CA GLY B 306 -28.09 14.45 -14.94
C GLY B 306 -26.83 13.61 -14.80
N ILE B 307 -26.85 12.50 -15.53
CA ILE B 307 -25.69 11.64 -15.76
C ILE B 307 -24.43 12.44 -16.13
N ASP B 308 -24.58 13.45 -17.00
CA ASP B 308 -23.44 14.27 -17.38
C ASP B 308 -23.07 15.35 -16.35
N ILE B 309 -23.63 15.30 -15.15
CA ILE B 309 -23.24 16.31 -14.17
C ILE B 309 -22.54 15.67 -12.98
N GLN B 310 -21.23 15.85 -12.93
CA GLN B 310 -20.38 15.13 -12.01
C GLN B 310 -20.69 15.45 -10.55
N ALA B 311 -21.03 16.70 -10.26
CA ALA B 311 -21.22 17.14 -8.88
C ALA B 311 -22.51 16.66 -8.24
N VAL B 312 -23.45 16.15 -9.04
CA VAL B 312 -24.70 15.67 -8.47
C VAL B 312 -24.43 14.42 -7.63
N ASN B 313 -24.68 14.51 -6.33
CA ASN B 313 -24.36 13.37 -5.46
C ASN B 313 -25.61 12.85 -4.77
N VAL B 314 -26.72 13.54 -5.00
CA VAL B 314 -28.00 13.19 -4.40
C VAL B 314 -29.15 13.37 -5.38
N VAL B 315 -29.96 12.33 -5.53
CA VAL B 315 -31.21 12.45 -6.27
C VAL B 315 -32.37 12.24 -5.29
N ILE B 316 -33.35 13.13 -5.37
CA ILE B 316 -34.57 12.98 -4.59
C ILE B 316 -35.75 12.63 -5.50
N ASN B 317 -36.41 11.50 -5.22
CA ASN B 317 -37.70 11.25 -5.84
C ASN B 317 -38.80 11.87 -4.99
N PHE B 318 -39.15 13.09 -5.35
CA PHE B 318 -40.19 13.77 -4.64
C PHE B 318 -41.49 12.98 -4.87
N ASP B 319 -41.73 12.61 -6.13
CA ASP B 319 -42.78 11.64 -6.46
C ASP B 319 -42.17 10.31 -6.83
N PHE B 320 -42.65 9.22 -6.25
CA PHE B 320 -42.14 7.90 -6.61
C PHE B 320 -42.68 7.43 -7.97
N PRO B 321 -41.81 6.91 -8.85
CA PRO B 321 -42.22 6.49 -10.20
C PRO B 321 -43.06 5.22 -10.20
N LYS B 322 -43.79 4.97 -11.28
CA LYS B 322 -44.61 3.77 -11.38
C LYS B 322 -43.85 2.57 -11.95
N LEU B 323 -42.77 2.85 -12.69
CA LEU B 323 -42.04 1.81 -13.41
C LEU B 323 -40.60 1.65 -12.94
N ALA B 324 -40.17 0.41 -12.75
CA ALA B 324 -38.78 0.10 -12.40
C ALA B 324 -37.78 0.73 -13.34
N GLU B 325 -38.08 0.71 -14.64
CA GLU B 325 -37.22 1.31 -15.67
C GLU B 325 -37.10 2.82 -15.46
N THR B 326 -38.20 3.46 -15.07
CA THR B 326 -38.18 4.89 -14.83
C THR B 326 -37.27 5.18 -13.64
N TYR B 327 -37.42 4.37 -12.59
CA TYR B 327 -36.62 4.50 -11.39
C TYR B 327 -35.14 4.32 -11.70
N LEU B 328 -34.84 3.34 -12.54
CA LEU B 328 -33.45 3.05 -12.89
C LEU B 328 -32.85 4.17 -13.74
N HIS B 329 -33.66 4.77 -14.59
CA HIS B 329 -33.17 5.89 -15.38
C HIS B 329 -32.87 7.09 -14.49
N ARG B 330 -33.63 7.25 -13.41
CA ARG B 330 -33.47 8.41 -12.54
C ARG B 330 -32.23 8.24 -11.65
N ILE B 331 -32.00 7.01 -11.20
CA ILE B 331 -31.06 6.76 -10.12
C ILE B 331 -29.83 5.95 -10.58
N GLY B 332 -29.94 5.29 -11.72
CA GLY B 332 -28.86 4.43 -12.15
C GLY B 332 -27.75 5.24 -12.77
N ARG B 333 -26.52 4.75 -12.62
CA ARG B 333 -25.37 5.35 -13.28
C ARG B 333 -24.48 4.31 -13.95
N SER B 334 -23.68 4.75 -14.91
CA SER B 334 -22.74 3.90 -15.61
C SER B 334 -21.39 3.69 -14.92
N GLY B 335 -21.09 4.48 -13.90
CA GLY B 335 -19.80 4.37 -13.22
C GLY B 335 -18.63 5.20 -13.74
N ARG B 336 -18.78 5.81 -14.91
CA ARG B 336 -17.71 6.65 -15.49
C ARG B 336 -17.48 7.91 -14.65
N PHE B 337 -18.56 8.55 -14.24
CA PHE B 337 -18.51 9.63 -13.26
C PHE B 337 -18.70 9.01 -11.89
N GLY B 338 -18.52 7.70 -11.79
CA GLY B 338 -18.79 7.01 -10.55
C GLY B 338 -20.29 6.80 -10.40
N HIS B 339 -20.71 6.57 -9.17
CA HIS B 339 -22.11 6.37 -8.83
C HIS B 339 -22.55 7.50 -7.92
N LEU B 340 -23.85 7.80 -7.92
CA LEU B 340 -24.43 8.72 -6.94
C LEU B 340 -24.17 8.14 -5.57
N GLY B 341 -24.09 9.01 -4.58
CA GLY B 341 -23.96 8.54 -3.24
C GLY B 341 -25.34 8.10 -2.80
N LEU B 342 -26.34 8.93 -3.08
CA LEU B 342 -27.55 8.82 -2.32
C LEU B 342 -28.83 9.07 -3.10
N ALA B 343 -29.82 8.21 -2.93
CA ALA B 343 -31.11 8.40 -3.55
C ALA B 343 -32.15 8.31 -2.47
N ILE B 344 -33.07 9.27 -2.46
CA ILE B 344 -34.08 9.27 -1.44
C ILE B 344 -35.48 9.38 -2.01
N ASN B 345 -36.32 8.44 -1.61
CA ASN B 345 -37.65 8.31 -2.16
C ASN B 345 -38.70 8.75 -1.17
N LEU B 346 -39.44 9.79 -1.52
CA LEU B 346 -40.57 10.19 -0.70
C LEU B 346 -41.80 9.42 -1.15
N ILE B 347 -42.28 8.53 -0.30
CA ILE B 347 -43.37 7.65 -0.68
C ILE B 347 -44.62 7.79 0.17
N THR B 348 -45.76 7.91 -0.50
CA THR B 348 -47.03 7.86 0.21
C THR B 348 -47.41 6.40 0.42
N TYR B 349 -48.41 6.19 1.24
CA TYR B 349 -48.81 4.85 1.59
C TYR B 349 -49.20 4.08 0.34
N ASP B 350 -49.81 4.77 -0.61
CA ASP B 350 -50.23 4.13 -1.84
C ASP B 350 -49.10 3.78 -2.78
N ASP B 351 -47.90 4.32 -2.53
CA ASP B 351 -46.72 3.97 -3.34
C ASP B 351 -46.08 2.65 -2.91
N ARG B 352 -46.50 2.05 -1.80
CA ARG B 352 -45.76 0.92 -1.25
C ARG B 352 -45.65 -0.28 -2.21
N PHE B 353 -46.76 -0.69 -2.82
CA PHE B 353 -46.73 -1.83 -3.74
C PHE B 353 -45.72 -1.60 -4.86
N ASN B 354 -45.66 -0.37 -5.39
CA ASN B 354 -44.67 -0.05 -6.41
C ASN B 354 -43.24 -0.06 -5.91
N LEU B 355 -43.05 0.42 -4.69
CA LEU B 355 -41.73 0.46 -4.09
C LEU B 355 -41.22 -0.98 -4.01
N LYS B 356 -42.05 -1.83 -3.40
CA LYS B 356 -41.70 -3.22 -3.22
C LYS B 356 -41.51 -3.92 -4.56
N SER B 357 -42.39 -3.66 -5.52
CA SER B 357 -42.32 -4.30 -6.83
C SER B 357 -41.04 -3.92 -7.54
N ILE B 358 -40.72 -2.64 -7.49
CA ILE B 358 -39.55 -2.09 -8.19
C ILE B 358 -38.23 -2.56 -7.56
N GLU B 359 -38.18 -2.55 -6.24
CA GLU B 359 -37.03 -3.05 -5.49
C GLU B 359 -36.74 -4.49 -5.90
N GLU B 360 -37.80 -5.28 -5.98
CA GLU B 360 -37.64 -6.68 -6.31
C GLU B 360 -37.26 -6.87 -7.78
N GLN B 361 -37.93 -6.16 -8.68
CA GLN B 361 -37.63 -6.26 -10.12
C GLN B 361 -36.19 -5.82 -10.41
N LEU B 362 -35.69 -4.86 -9.63
CA LEU B 362 -34.33 -4.34 -9.83
C LEU B 362 -33.30 -5.10 -9.01
N GLY B 363 -33.75 -6.06 -8.21
CA GLY B 363 -32.86 -6.85 -7.37
C GLY B 363 -32.03 -5.96 -6.46
N THR B 364 -32.61 -4.85 -6.02
CA THR B 364 -31.88 -3.92 -5.20
C THR B 364 -32.44 -3.90 -3.78
N GLU B 365 -31.96 -2.96 -2.97
CA GLU B 365 -32.45 -2.74 -1.62
C GLU B 365 -32.67 -1.24 -1.38
N ILE B 366 -33.88 -0.91 -0.98
CA ILE B 366 -34.24 0.45 -0.61
C ILE B 366 -34.62 0.45 0.87
N LYS B 367 -33.71 0.93 1.71
CA LYS B 367 -33.91 0.90 3.16
C LYS B 367 -34.75 2.07 3.69
N PRO B 368 -35.35 1.91 4.87
CA PRO B 368 -36.04 3.04 5.50
C PRO B 368 -35.04 4.13 5.86
N ILE B 369 -35.48 5.38 5.86
CA ILE B 369 -34.59 6.47 6.19
C ILE B 369 -34.15 6.36 7.65
N PRO B 370 -32.86 6.59 7.92
CA PRO B 370 -32.33 6.37 9.28
C PRO B 370 -33.01 7.25 10.31
N SER B 371 -32.96 6.82 11.57
CA SER B 371 -33.69 7.47 12.66
C SER B 371 -33.40 8.95 12.83
N ASN B 372 -32.12 9.32 12.83
CA ASN B 372 -31.73 10.68 13.14
C ASN B 372 -32.05 11.71 12.04
N ILE B 373 -32.62 11.24 10.95
CA ILE B 373 -33.17 12.13 9.93
C ILE B 373 -34.69 12.14 10.08
N ASP B 374 -35.27 10.98 10.39
CA ASP B 374 -36.72 10.87 10.59
C ASP B 374 -37.22 11.76 11.74
N LYS B 375 -36.49 11.80 12.85
CA LYS B 375 -36.73 12.82 13.87
C LYS B 375 -36.39 14.15 13.20
N SER B 376 -36.98 15.24 13.69
CA SER B 376 -36.84 16.59 13.12
C SER B 376 -37.83 16.86 12.00
N LEU B 377 -38.59 15.83 11.63
CA LEU B 377 -39.85 16.04 10.93
C LEU B 377 -40.83 16.46 12.02
N TYR B 378 -40.54 16.02 13.24
CA TYR B 378 -41.42 16.23 14.39
C TYR B 378 -40.88 17.31 15.35
N SER C 13 -5.91 -5.36 16.09
CA SER C 13 -5.27 -6.26 17.04
C SER C 13 -3.79 -5.92 17.17
N ILE C 14 -3.00 -6.93 17.55
CA ILE C 14 -1.54 -6.78 17.64
C ILE C 14 -0.77 -8.05 17.29
N ASN C 15 0.19 -7.92 16.37
CA ASN C 15 1.10 -9.02 16.08
C ASN C 15 2.45 -8.53 15.56
N THR C 16 3.42 -9.45 15.51
CA THR C 16 4.80 -9.13 15.16
C THR C 16 5.15 -9.33 13.68
N THR C 17 4.15 -9.61 12.85
CA THR C 17 4.40 -9.67 11.42
C THR C 17 3.20 -9.14 10.64
N ASN C 18 3.47 -8.30 9.66
CA ASN C 18 2.40 -7.77 8.83
C ASN C 18 1.82 -8.83 7.89
N ILE C 19 0.56 -9.21 8.09
CA ILE C 19 -0.07 -10.14 7.16
C ILE C 19 -1.22 -9.51 6.41
N ASP C 20 -1.20 -8.18 6.33
CA ASP C 20 -2.26 -7.41 5.66
C ASP C 20 -2.48 -7.85 4.21
N THR C 21 -1.39 -8.07 3.48
CA THR C 21 -1.48 -8.56 2.12
C THR C 21 -2.35 -9.83 2.05
N LEU C 22 -2.27 -10.66 3.09
CA LEU C 22 -3.13 -11.84 3.14
C LEU C 22 -4.51 -11.54 3.75
N LEU C 23 -4.55 -10.78 4.83
CA LEU C 23 -5.81 -10.47 5.53
C LEU C 23 -6.80 -9.77 4.60
N VAL C 24 -6.28 -8.78 3.88
CA VAL C 24 -7.06 -7.99 2.97
C VAL C 24 -7.67 -8.82 1.83
N ALA C 25 -6.85 -9.69 1.23
CA ALA C 25 -7.27 -10.53 0.12
C ALA C 25 -8.30 -11.58 0.52
N THR C 26 -8.35 -11.90 1.82
CA THR C 26 -9.33 -12.85 2.32
C THR C 26 -10.70 -12.21 2.41
N ASP C 27 -10.72 -10.92 2.71
CA ASP C 27 -11.98 -10.18 2.82
C ASP C 27 -12.65 -10.03 1.45
N GLN C 28 -12.02 -10.56 0.42
CA GLN C 28 -12.60 -10.55 -0.93
C GLN C 28 -12.74 -11.98 -1.44
N THR C 29 -12.77 -12.94 -0.52
CA THR C 29 -13.03 -14.33 -0.86
C THR C 29 -14.31 -14.75 -0.14
N GLU C 30 -14.83 -15.91 -0.52
CA GLU C 30 -16.10 -16.41 0.02
C GLU C 30 -16.09 -16.45 1.55
N ARG C 31 -16.94 -15.61 2.14
CA ARG C 31 -17.05 -15.54 3.60
C ARG C 31 -17.32 -16.92 4.18
N ILE C 32 -16.45 -17.34 5.07
CA ILE C 32 -16.55 -18.65 5.69
C ILE C 32 -17.17 -18.55 7.07
N VAL C 33 -17.42 -19.70 7.69
CA VAL C 33 -18.00 -19.75 9.02
C VAL C 33 -16.98 -19.34 10.08
N GLU C 34 -17.21 -18.18 10.69
CA GLU C 34 -16.38 -17.72 11.80
C GLU C 34 -16.93 -18.28 13.12
N PRO C 35 -16.08 -18.92 13.92
CA PRO C 35 -16.48 -19.44 15.23
C PRO C 35 -16.68 -18.31 16.22
N PRO C 36 -17.41 -18.56 17.32
CA PRO C 36 -17.54 -17.54 18.37
C PRO C 36 -16.18 -17.22 18.97
N GLU C 37 -16.06 -16.05 19.58
CA GLU C 37 -14.78 -15.58 20.08
C GLU C 37 -14.08 -16.56 21.02
N ASN C 38 -14.83 -17.20 21.89
CA ASN C 38 -14.25 -18.13 22.86
C ASN C 38 -13.65 -19.37 22.23
N ILE C 39 -14.18 -19.79 21.09
CA ILE C 39 -13.59 -20.91 20.36
C ILE C 39 -12.28 -20.47 19.68
N GLN C 40 -12.29 -19.27 19.11
CA GLN C 40 -11.10 -18.70 18.46
C GLN C 40 -9.96 -18.64 19.48
N GLU C 41 -10.29 -18.14 20.67
CA GLU C 41 -9.33 -18.03 21.77
C GLU C 41 -8.77 -19.40 22.16
N LYS C 42 -9.63 -20.42 22.24
CA LYS C 42 -9.20 -21.77 22.59
C LYS C 42 -8.26 -22.33 21.53
N ILE C 43 -8.56 -22.02 20.27
CA ILE C 43 -7.73 -22.46 19.15
C ILE C 43 -6.37 -21.78 19.17
N ALA C 44 -6.36 -20.48 19.44
CA ALA C 44 -5.12 -19.73 19.54
C ALA C 44 -4.27 -20.30 20.65
N PHE C 45 -4.91 -20.59 21.79
CA PHE C 45 -4.19 -21.12 22.95
C PHE C 45 -3.51 -22.43 22.63
N ILE C 46 -4.26 -23.32 21.97
CA ILE C 46 -3.72 -24.62 21.56
C ILE C 46 -2.50 -24.43 20.66
N PHE C 47 -2.66 -23.64 19.60
CA PHE C 47 -1.57 -23.52 18.66
C PHE C 47 -0.39 -22.76 19.24
N ASN C 48 -0.66 -21.85 20.17
CA ASN C 48 0.42 -21.19 20.90
C ASN C 48 1.22 -22.18 21.73
N ASN C 49 0.54 -23.19 22.26
CA ASN C 49 1.17 -24.10 23.20
C ASN C 49 1.45 -25.51 22.71
N LEU C 50 1.32 -25.72 21.40
CA LEU C 50 1.60 -27.02 20.79
C LEU C 50 3.09 -27.34 20.79
N SER C 51 3.43 -28.50 21.33
CA SER C 51 4.80 -29.02 21.26
C SER C 51 4.72 -30.49 20.91
N GLN C 52 5.84 -31.08 20.51
CA GLN C 52 5.84 -32.51 20.16
C GLN C 52 5.38 -33.38 21.30
N SER C 53 5.67 -32.97 22.53
CA SER C 53 5.39 -33.83 23.68
C SER C 53 4.00 -33.64 24.27
N ASN C 54 3.18 -32.80 23.66
CA ASN C 54 1.79 -32.68 24.12
C ASN C 54 0.83 -32.74 22.94
N MET C 55 1.38 -33.01 21.77
CA MET C 55 0.59 -32.99 20.55
C MET C 55 -0.66 -33.86 20.59
N THR C 56 -0.54 -35.08 21.09
CA THR C 56 -1.71 -35.97 21.15
C THR C 56 -2.77 -35.35 22.07
N GLN C 57 -2.34 -34.82 23.21
CA GLN C 57 -3.25 -34.13 24.14
C GLN C 57 -3.88 -32.89 23.50
N LYS C 58 -3.09 -32.13 22.75
CA LYS C 58 -3.60 -30.94 22.08
C LYS C 58 -4.59 -31.31 20.98
N VAL C 59 -4.27 -32.39 20.24
CA VAL C 59 -5.17 -32.90 19.20
C VAL C 59 -6.51 -33.29 19.83
N GLU C 60 -6.46 -34.05 20.92
CA GLU C 60 -7.66 -34.41 21.68
C GLU C 60 -8.45 -33.17 22.09
N GLU C 61 -7.74 -32.14 22.56
CA GLU C 61 -8.36 -30.89 22.98
C GLU C 61 -9.06 -30.18 21.83
N LEU C 62 -8.42 -30.18 20.66
CA LEU C 62 -8.95 -29.46 19.50
C LEU C 62 -10.25 -30.05 18.95
N LYS C 63 -10.28 -31.37 18.81
CA LYS C 63 -11.48 -32.04 18.33
C LYS C 63 -12.61 -31.97 19.36
N GLU C 64 -12.28 -32.20 20.63
CA GLU C 64 -13.26 -32.17 21.69
C GLU C 64 -13.87 -30.77 21.93
N THR C 65 -13.34 -29.74 21.25
CA THR C 65 -13.80 -28.36 21.47
C THR C 65 -14.26 -27.62 20.21
N VAL C 66 -13.73 -27.97 19.05
CA VAL C 66 -14.08 -27.29 17.81
C VAL C 66 -15.05 -28.12 16.95
N LYS C 67 -16.22 -27.56 16.66
CA LYS C 67 -17.19 -28.28 15.83
C LYS C 67 -16.70 -28.36 14.39
N GLU C 68 -17.25 -29.31 13.63
CA GLU C 68 -16.83 -29.56 12.25
C GLU C 68 -16.93 -28.34 11.34
N GLU C 69 -17.94 -27.50 11.60
CA GLU C 69 -18.25 -26.35 10.76
C GLU C 69 -17.28 -25.19 10.93
N PHE C 70 -16.33 -25.35 11.83
CA PHE C 70 -15.38 -24.29 12.11
C PHE C 70 -14.04 -24.64 11.49
N MET C 71 -13.89 -25.89 11.09
CA MET C 71 -12.64 -26.35 10.48
C MET C 71 -12.17 -25.54 9.28
N PRO C 72 -13.10 -25.00 8.47
CA PRO C 72 -12.58 -24.06 7.45
C PRO C 72 -11.82 -22.89 8.08
N TRP C 73 -12.33 -22.36 9.19
CA TRP C 73 -11.68 -21.24 9.85
C TRP C 73 -10.30 -21.62 10.36
N VAL C 74 -10.23 -22.77 11.02
CA VAL C 74 -8.97 -23.25 11.58
C VAL C 74 -7.88 -23.39 10.52
N SER C 75 -8.23 -23.89 9.35
CA SER C 75 -7.28 -24.06 8.26
C SER C 75 -6.77 -22.72 7.77
N GLN C 76 -7.66 -21.72 7.81
CA GLN C 76 -7.29 -20.38 7.44
C GLN C 76 -6.41 -19.77 8.53
N TYR C 77 -6.74 -20.05 9.79
CA TYR C 77 -5.92 -19.58 10.90
C TYR C 77 -4.54 -20.23 10.84
N LEU C 78 -4.51 -21.54 10.67
CA LEU C 78 -3.26 -22.28 10.65
C LEU C 78 -2.36 -21.77 9.53
N VAL C 79 -2.94 -21.59 8.34
CA VAL C 79 -2.15 -21.19 7.18
C VAL C 79 -1.77 -19.72 7.20
N MET C 80 -2.75 -18.85 7.36
CA MET C 80 -2.50 -17.42 7.28
C MET C 80 -1.75 -16.86 8.47
N LYS C 81 -2.16 -17.24 9.68
CA LYS C 81 -1.60 -16.64 10.89
C LYS C 81 -0.45 -17.40 11.54
N ARG C 82 -0.35 -18.70 11.27
CA ARG C 82 0.68 -19.50 11.92
C ARG C 82 1.80 -19.88 10.96
N VAL C 83 1.47 -20.72 9.98
CA VAL C 83 2.45 -21.32 9.09
C VAL C 83 3.24 -20.26 8.30
N SER C 84 2.55 -19.20 7.91
CA SER C 84 3.16 -18.14 7.12
C SER C 84 4.28 -17.39 7.83
N ILE C 85 4.30 -17.39 9.17
CA ILE C 85 5.33 -16.64 9.89
C ILE C 85 6.09 -17.46 10.93
N GLU C 86 5.88 -18.77 10.97
CA GLU C 86 6.60 -19.61 11.93
C GLU C 86 7.27 -20.80 11.25
N PRO C 87 8.22 -20.52 10.34
CA PRO C 87 8.83 -21.61 9.58
C PRO C 87 9.50 -22.65 10.47
N ASN C 88 9.99 -22.22 11.63
CA ASN C 88 10.70 -23.08 12.58
C ASN C 88 9.79 -24.13 13.23
N PHE C 89 8.49 -23.97 13.06
CA PHE C 89 7.56 -24.97 13.57
C PHE C 89 6.77 -25.67 12.46
N HIS C 90 7.24 -25.60 11.22
CA HIS C 90 6.53 -26.29 10.14
C HIS C 90 6.39 -27.81 10.40
N SER C 91 7.48 -28.46 10.80
CA SER C 91 7.47 -29.88 11.15
C SER C 91 6.46 -30.20 12.25
N LEU C 92 6.32 -29.27 13.19
CA LEU C 92 5.40 -29.45 14.32
C LEU C 92 3.98 -29.44 13.81
N TYR C 93 3.69 -28.51 12.92
CA TYR C 93 2.34 -28.35 12.41
C TYR C 93 2.03 -29.48 11.43
N SER C 94 3.04 -29.96 10.72
CA SER C 94 2.87 -31.12 9.85
C SER C 94 2.61 -32.37 10.67
N ASN C 95 3.35 -32.57 11.76
CA ASN C 95 3.10 -33.71 12.64
C ASN C 95 1.71 -33.57 13.27
N PHE C 96 1.28 -32.34 13.50
CA PHE C 96 -0.07 -32.07 13.95
C PHE C 96 -1.14 -32.57 12.96
N LEU C 97 -0.90 -32.38 11.66
CA LEU C 97 -1.85 -32.79 10.65
C LEU C 97 -1.93 -34.31 10.59
N ASP C 98 -0.75 -34.95 10.65
CA ASP C 98 -0.67 -36.40 10.65
C ASP C 98 -1.41 -36.97 11.85
N THR C 99 -1.22 -36.34 13.00
CA THR C 99 -1.83 -36.81 14.23
C THR C 99 -3.33 -36.57 14.22
N LEU C 100 -3.77 -35.54 13.53
CA LEU C 100 -5.20 -35.22 13.48
C LEU C 100 -6.04 -36.21 12.66
N LYS C 101 -5.40 -36.84 11.67
CA LYS C 101 -6.06 -37.77 10.76
C LYS C 101 -7.43 -37.25 10.31
N ASN C 102 -7.42 -36.10 9.63
CA ASN C 102 -8.66 -35.47 9.19
C ASN C 102 -8.48 -35.04 7.74
N PRO C 103 -8.69 -35.97 6.82
CA PRO C 103 -8.27 -35.79 5.43
C PRO C 103 -8.96 -34.64 4.72
N GLU C 104 -10.17 -34.29 5.16
CA GLU C 104 -10.88 -33.16 4.59
C GLU C 104 -10.33 -31.84 5.15
N PHE C 105 -9.71 -31.92 6.32
CA PHE C 105 -9.05 -30.74 6.88
C PHE C 105 -7.76 -30.46 6.13
N ASN C 106 -6.99 -31.53 5.90
CA ASN C 106 -5.75 -31.45 5.15
C ASN C 106 -5.95 -30.85 3.77
N LYS C 107 -7.09 -31.14 3.16
CA LYS C 107 -7.38 -30.62 1.83
C LYS C 107 -7.73 -29.13 1.90
N MET C 108 -8.45 -28.74 2.94
CA MET C 108 -8.68 -27.33 3.19
C MET C 108 -7.33 -26.66 3.39
N VAL C 109 -6.47 -27.29 4.15
CA VAL C 109 -5.18 -26.69 4.46
C VAL C 109 -4.37 -26.56 3.18
N LEU C 110 -4.43 -27.59 2.34
CA LEU C 110 -3.70 -27.52 1.08
C LEU C 110 -4.21 -26.38 0.20
N ASN C 111 -5.53 -26.30 0.04
CA ASN C 111 -6.14 -25.27 -0.80
C ASN C 111 -5.92 -23.86 -0.27
N GLU C 112 -6.02 -23.73 1.05
CA GLU C 112 -5.76 -22.45 1.70
C GLU C 112 -4.29 -22.07 1.49
N THR C 113 -3.43 -23.08 1.52
CA THR C 113 -2.01 -22.87 1.20
C THR C 113 -1.83 -22.36 -0.23
N TYR C 114 -2.49 -23.01 -1.18
CA TYR C 114 -2.44 -22.58 -2.58
C TYR C 114 -3.01 -21.19 -2.79
N ARG C 115 -4.14 -20.91 -2.16
CA ARG C 115 -4.81 -19.61 -2.30
C ARG C 115 -3.93 -18.44 -1.85
N ASN C 116 -3.31 -18.55 -0.68
CA ASN C 116 -2.47 -17.48 -0.14
C ASN C 116 -1.16 -17.35 -0.89
N ILE C 117 -0.62 -18.47 -1.35
CA ILE C 117 0.57 -18.44 -2.20
C ILE C 117 0.29 -17.62 -3.46
N LYS C 118 -0.93 -17.76 -3.98
CA LYS C 118 -1.26 -17.11 -5.23
C LYS C 118 -1.48 -15.61 -5.05
N VAL C 119 -2.10 -15.23 -3.95
CA VAL C 119 -2.28 -13.84 -3.61
C VAL C 119 -0.95 -13.11 -3.60
N LEU C 120 0.03 -13.71 -2.95
CA LEU C 120 1.37 -13.13 -2.89
C LEU C 120 2.00 -13.01 -4.27
N LEU C 121 1.99 -14.11 -5.01
CA LEU C 121 2.56 -14.12 -6.35
C LEU C 121 1.99 -13.05 -7.28
N THR C 122 0.70 -12.75 -7.11
CA THR C 122 0.06 -11.78 -8.01
C THR C 122 -0.13 -10.38 -7.40
N SER C 123 0.32 -10.19 -6.17
CA SER C 123 0.21 -8.88 -5.52
C SER C 123 1.14 -7.89 -6.17
N ASP C 124 0.78 -6.60 -6.11
CA ASP C 124 1.64 -5.55 -6.61
C ASP C 124 2.88 -5.46 -5.71
N LYS C 125 4.05 -5.76 -6.29
CA LYS C 125 5.28 -5.85 -5.51
C LYS C 125 5.78 -4.49 -5.07
N ALA C 126 5.33 -3.45 -5.75
CA ALA C 126 5.70 -2.08 -5.41
C ALA C 126 4.98 -1.66 -4.13
N ALA C 127 3.75 -2.16 -3.98
CA ALA C 127 2.90 -1.84 -2.84
C ALA C 127 3.05 -2.88 -1.73
N ALA C 128 4.09 -3.70 -1.85
CA ALA C 128 4.27 -4.81 -0.94
C ALA C 128 4.75 -4.40 0.44
N ASN C 129 4.33 -5.15 1.44
CA ASN C 129 4.88 -4.99 2.78
C ASN C 129 6.25 -5.66 2.83
N PHE C 130 7.08 -5.21 3.76
CA PHE C 130 8.43 -5.72 3.93
C PHE C 130 8.43 -7.24 4.07
N SER C 131 7.42 -7.72 4.78
CA SER C 131 7.29 -9.10 5.18
C SER C 131 6.87 -10.08 4.09
N ASP C 132 6.27 -9.56 3.02
CA ASP C 132 5.55 -10.41 2.06
C ASP C 132 6.44 -11.47 1.39
N ARG C 133 7.65 -11.08 1.04
CA ARG C 133 8.65 -11.99 0.52
C ARG C 133 8.84 -13.21 1.46
N SER C 134 8.97 -12.95 2.77
CA SER C 134 9.07 -14.05 3.74
C SER C 134 7.81 -14.89 3.83
N LEU C 135 6.66 -14.25 3.80
CA LEU C 135 5.39 -14.97 3.84
C LEU C 135 5.35 -15.96 2.67
N LEU C 136 5.78 -15.52 1.49
CA LEU C 136 5.82 -16.40 0.33
C LEU C 136 6.81 -17.56 0.51
N LYS C 137 8.02 -17.24 0.97
CA LYS C 137 9.04 -18.27 1.23
C LYS C 137 8.54 -19.29 2.22
N ASN C 138 7.98 -18.81 3.32
CA ASN C 138 7.51 -19.70 4.37
C ASN C 138 6.39 -20.58 3.84
N LEU C 139 5.49 -19.98 3.07
CA LEU C 139 4.39 -20.76 2.51
C LEU C 139 4.92 -21.79 1.51
N GLY C 140 5.97 -21.43 0.78
CA GLY C 140 6.59 -22.37 -0.13
C GLY C 140 7.17 -23.59 0.58
N HIS C 141 7.87 -23.32 1.67
CA HIS C 141 8.45 -24.38 2.47
C HIS C 141 7.37 -25.31 2.98
N TRP C 142 6.29 -24.72 3.47
CA TRP C 142 5.15 -25.49 3.96
C TRP C 142 4.55 -26.36 2.84
N LEU C 143 4.26 -25.74 1.69
CA LEU C 143 3.69 -26.44 0.56
C LEU C 143 4.44 -27.73 0.19
N GLY C 144 5.75 -27.62 0.03
CA GLY C 144 6.57 -28.78 -0.25
C GLY C 144 6.44 -29.85 0.81
N MET C 145 6.32 -29.43 2.08
CA MET C 145 6.23 -30.37 3.18
C MET C 145 4.94 -31.17 3.23
N ILE C 146 3.84 -30.56 2.79
CA ILE C 146 2.55 -31.25 2.89
C ILE C 146 2.17 -31.83 1.54
N THR C 147 2.98 -31.59 0.52
CA THR C 147 2.81 -32.25 -0.77
C THR C 147 3.98 -33.18 -1.05
N LEU C 148 5.03 -32.63 -1.66
CA LEU C 148 6.18 -33.41 -2.10
C LEU C 148 6.71 -34.39 -1.06
N ALA C 149 7.00 -33.87 0.14
CA ALA C 149 7.58 -34.67 1.22
C ALA C 149 6.68 -35.83 1.64
N LYS C 150 5.39 -35.74 1.32
CA LYS C 150 4.47 -36.84 1.60
C LYS C 150 4.10 -37.61 0.33
N ASN C 151 4.98 -37.51 -0.68
CA ASN C 151 4.81 -38.23 -1.93
C ASN C 151 3.53 -37.91 -2.69
N LYS C 152 3.07 -36.67 -2.53
CA LYS C 152 1.94 -36.21 -3.30
C LYS C 152 2.43 -35.13 -4.24
N PRO C 153 1.97 -35.14 -5.49
CA PRO C 153 2.45 -34.16 -6.45
C PRO C 153 1.88 -32.74 -6.25
N ILE C 154 2.62 -31.77 -6.81
CA ILE C 154 2.12 -30.43 -7.03
C ILE C 154 1.58 -30.35 -8.46
N LEU C 155 0.28 -30.50 -8.61
CA LEU C 155 -0.36 -30.46 -9.92
C LEU C 155 -0.28 -29.08 -10.54
N HIS C 156 -0.05 -29.05 -11.85
CA HIS C 156 0.14 -27.78 -12.54
C HIS C 156 -1.18 -27.02 -12.60
N THR C 157 -2.30 -27.72 -12.43
CA THR C 157 -3.60 -27.08 -12.30
C THR C 157 -3.75 -26.37 -10.96
N ASP C 158 -2.84 -26.66 -10.03
CA ASP C 158 -2.78 -25.96 -8.75
C ASP C 158 -1.68 -24.90 -8.80
N LEU C 159 -0.46 -25.32 -9.11
CA LEU C 159 0.64 -24.40 -9.27
C LEU C 159 1.62 -24.94 -10.32
N ASP C 160 1.76 -24.26 -11.45
CA ASP C 160 2.73 -24.69 -12.46
C ASP C 160 4.06 -24.00 -12.14
N VAL C 161 4.92 -24.71 -11.42
CA VAL C 161 6.16 -24.14 -10.91
C VAL C 161 7.10 -23.71 -12.04
N LYS C 162 7.25 -24.56 -13.05
CA LYS C 162 8.11 -24.23 -14.17
C LYS C 162 7.76 -22.89 -14.83
N SER C 163 6.50 -22.70 -15.20
CA SER C 163 6.09 -21.48 -15.91
C SER C 163 6.14 -20.26 -14.98
N LEU C 164 5.93 -20.52 -13.70
CA LEU C 164 6.08 -19.52 -12.67
C LEU C 164 7.46 -18.87 -12.72
N LEU C 165 8.50 -19.71 -12.77
CA LEU C 165 9.87 -19.21 -12.94
C LEU C 165 10.05 -18.40 -14.19
N LEU C 166 9.46 -18.86 -15.29
CA LEU C 166 9.63 -18.20 -16.59
C LEU C 166 8.88 -16.88 -16.66
N GLU C 167 7.68 -16.83 -16.10
CA GLU C 167 6.88 -15.61 -16.10
C GLU C 167 7.57 -14.55 -15.25
N ALA C 168 8.19 -14.96 -14.15
CA ALA C 168 8.94 -14.02 -13.31
C ALA C 168 10.13 -13.46 -14.08
N TYR C 169 10.81 -14.32 -14.83
CA TYR C 169 11.97 -13.89 -15.62
C TYR C 169 11.60 -12.84 -16.66
N VAL C 170 10.37 -12.87 -17.15
CA VAL C 170 9.94 -11.85 -18.09
C VAL C 170 9.72 -10.53 -17.35
N LYS C 171 9.18 -10.64 -16.14
CA LYS C 171 8.80 -9.47 -15.36
C LYS C 171 9.99 -8.68 -14.82
N GLY C 172 11.10 -9.37 -14.53
CA GLY C 172 12.31 -8.68 -14.09
C GLY C 172 12.79 -9.06 -12.70
N GLN C 173 13.90 -8.44 -12.29
CA GLN C 173 14.58 -8.82 -11.05
C GLN C 173 13.68 -8.82 -9.83
N GLN C 174 12.82 -7.80 -9.71
CA GLN C 174 11.92 -7.70 -8.58
C GLN C 174 11.05 -8.96 -8.46
N GLU C 175 10.57 -9.47 -9.58
CA GLU C 175 9.72 -10.65 -9.55
C GLU C 175 10.53 -11.91 -9.23
N LEU C 176 11.73 -12.00 -9.80
CA LEU C 176 12.63 -13.12 -9.50
C LEU C 176 12.99 -13.14 -8.03
N LEU C 177 13.15 -11.96 -7.43
CA LEU C 177 13.50 -11.86 -6.04
C LEU C 177 12.44 -12.52 -5.15
N TYR C 178 11.18 -12.44 -5.54
CA TYR C 178 10.12 -13.11 -4.80
C TYR C 178 10.03 -14.60 -5.15
N VAL C 179 10.03 -14.90 -6.45
CA VAL C 179 9.68 -16.24 -6.94
C VAL C 179 10.78 -17.31 -6.77
N VAL C 180 12.02 -16.95 -7.08
CA VAL C 180 13.14 -17.88 -6.96
C VAL C 180 13.36 -18.43 -5.51
N PRO C 181 13.28 -17.57 -4.46
CA PRO C 181 13.41 -18.20 -3.13
C PRO C 181 12.20 -19.04 -2.71
N PHE C 182 11.01 -18.67 -3.17
CA PHE C 182 9.79 -19.50 -3.03
C PHE C 182 9.96 -20.88 -3.67
N VAL C 183 10.41 -20.92 -4.92
CA VAL C 183 10.62 -22.21 -5.57
C VAL C 183 11.67 -23.05 -4.83
N ALA C 184 12.74 -22.42 -4.37
CA ALA C 184 13.79 -23.14 -3.64
C ALA C 184 13.23 -23.75 -2.37
N LYS C 185 12.41 -23.00 -1.65
CA LYS C 185 11.79 -23.52 -0.45
C LYS C 185 10.87 -24.71 -0.76
N VAL C 186 10.14 -24.62 -1.87
CA VAL C 186 9.26 -25.71 -2.28
C VAL C 186 10.09 -26.94 -2.60
N LEU C 187 11.06 -26.78 -3.49
CA LEU C 187 11.86 -27.89 -3.97
C LEU C 187 12.76 -28.57 -2.93
N GLU C 188 13.00 -27.88 -1.81
CA GLU C 188 13.77 -28.43 -0.71
C GLU C 188 13.17 -29.75 -0.23
N SER C 189 11.85 -29.83 -0.23
CA SER C 189 11.20 -31.05 0.25
C SER C 189 11.39 -32.25 -0.69
N SER C 190 11.78 -32.00 -1.94
CA SER C 190 11.82 -33.08 -2.92
C SER C 190 12.87 -34.13 -2.55
N ILE C 191 13.90 -33.71 -1.82
CA ILE C 191 14.95 -34.64 -1.45
C ILE C 191 14.45 -35.71 -0.46
N ARG C 192 13.34 -35.45 0.22
CA ARG C 192 12.82 -36.39 1.22
C ARG C 192 11.74 -37.33 0.68
N SER C 193 11.51 -37.29 -0.62
CA SER C 193 10.42 -38.04 -1.23
C SER C 193 10.97 -39.11 -2.16
N VAL C 194 10.64 -40.37 -1.90
CA VAL C 194 11.04 -41.46 -2.79
C VAL C 194 10.57 -41.16 -4.22
N VAL C 195 9.41 -40.53 -4.33
CA VAL C 195 8.82 -40.25 -5.64
C VAL C 195 9.49 -39.07 -6.32
N PHE C 196 9.71 -38.00 -5.59
CA PHE C 196 10.11 -36.75 -6.22
C PHE C 196 11.57 -36.33 -6.09
N ARG C 197 12.39 -37.14 -5.43
CA ARG C 197 13.80 -36.81 -5.40
C ARG C 197 14.35 -36.97 -6.81
N PRO C 198 15.41 -36.21 -7.15
CA PRO C 198 16.10 -36.44 -8.43
C PRO C 198 16.38 -37.94 -8.55
N PRO C 199 16.34 -38.49 -9.77
CA PRO C 199 16.15 -37.78 -11.04
C PRO C 199 14.71 -37.68 -11.52
N ASN C 200 13.74 -37.60 -10.60
CA ASN C 200 12.36 -37.36 -10.99
C ASN C 200 12.22 -36.25 -12.04
N PRO C 201 11.54 -36.55 -13.15
CA PRO C 201 11.50 -35.66 -14.31
C PRO C 201 10.91 -34.29 -14.02
N TRP C 202 9.87 -34.23 -13.19
CA TRP C 202 9.28 -32.94 -12.84
C TRP C 202 10.25 -32.07 -12.03
N THR C 203 10.92 -32.69 -11.07
CA THR C 203 11.87 -31.98 -10.22
C THR C 203 13.05 -31.50 -11.04
N MET C 204 13.54 -32.39 -11.91
CA MET C 204 14.69 -32.08 -12.76
C MET C 204 14.37 -31.02 -13.81
N ALA C 205 13.12 -30.94 -14.23
CA ALA C 205 12.74 -29.91 -15.21
C ALA C 205 12.81 -28.51 -14.60
N ILE C 206 12.32 -28.39 -13.36
CA ILE C 206 12.44 -27.13 -12.64
C ILE C 206 13.89 -26.79 -12.33
N MET C 207 14.67 -27.78 -11.89
CA MET C 207 16.10 -27.57 -11.64
C MET C 207 16.82 -27.08 -12.88
N ASN C 208 16.44 -27.62 -14.04
CA ASN C 208 17.07 -27.26 -15.30
C ASN C 208 16.78 -25.80 -15.67
N VAL C 209 15.59 -25.33 -15.35
CA VAL C 209 15.26 -23.93 -15.55
C VAL C 209 16.08 -23.04 -14.63
N LEU C 210 16.17 -23.43 -13.36
CA LEU C 210 17.00 -22.71 -12.40
C LEU C 210 18.46 -22.67 -12.88
N ALA C 211 18.91 -23.76 -13.49
CA ALA C 211 20.27 -23.84 -14.03
C ALA C 211 20.49 -22.87 -15.18
N GLU C 212 19.43 -22.54 -15.91
CA GLU C 212 19.55 -21.53 -16.95
C GLU C 212 19.55 -20.12 -16.33
N LEU C 213 18.69 -19.92 -15.33
CA LEU C 213 18.65 -18.66 -14.61
C LEU C 213 20.02 -18.35 -14.01
N HIS C 214 20.66 -19.39 -13.51
CA HIS C 214 21.97 -19.25 -12.87
C HIS C 214 23.06 -18.82 -13.84
N GLN C 215 22.82 -19.04 -15.13
CA GLN C 215 23.80 -18.69 -16.14
C GLN C 215 23.77 -17.23 -16.57
N GLU C 216 22.76 -16.50 -16.13
CA GLU C 216 22.64 -15.10 -16.48
C GLU C 216 23.73 -14.31 -15.75
N HIS C 217 24.61 -13.67 -16.52
CA HIS C 217 25.70 -12.91 -15.97
C HIS C 217 25.21 -11.92 -14.92
N ASP C 218 24.11 -11.24 -15.21
CA ASP C 218 23.64 -10.17 -14.33
C ASP C 218 22.51 -10.57 -13.39
N LEU C 219 22.34 -11.87 -13.15
CA LEU C 219 21.39 -12.29 -12.12
C LEU C 219 21.90 -11.89 -10.74
N LYS C 220 21.03 -11.27 -9.93
CA LYS C 220 21.39 -10.77 -8.61
C LYS C 220 22.10 -11.84 -7.77
N LEU C 221 23.21 -11.46 -7.16
CA LEU C 221 24.08 -12.42 -6.49
C LEU C 221 23.35 -13.37 -5.51
N ASN C 222 22.41 -12.84 -4.72
CA ASN C 222 21.71 -13.65 -3.74
C ASN C 222 20.79 -14.68 -4.41
N LEU C 223 20.35 -14.41 -5.63
CA LEU C 223 19.58 -15.40 -6.37
C LEU C 223 20.50 -16.50 -6.89
N LYS C 224 21.70 -16.12 -7.34
CA LYS C 224 22.70 -17.15 -7.65
C LYS C 224 22.97 -18.02 -6.42
N PHE C 225 23.04 -17.42 -5.23
CA PHE C 225 23.21 -18.23 -4.03
C PHE C 225 22.04 -19.16 -3.78
N GLU C 226 20.83 -18.67 -3.95
CA GLU C 226 19.63 -19.49 -3.73
C GLU C 226 19.70 -20.75 -4.54
N ILE C 227 20.04 -20.59 -5.81
CA ILE C 227 20.10 -21.71 -6.71
C ILE C 227 21.23 -22.67 -6.33
N GLU C 228 22.43 -22.14 -6.14
CA GLU C 228 23.57 -22.96 -5.73
C GLU C 228 23.35 -23.70 -4.40
N VAL C 229 22.62 -23.08 -3.48
CA VAL C 229 22.34 -23.74 -2.22
C VAL C 229 21.26 -24.80 -2.40
N LEU C 230 20.27 -24.52 -3.24
CA LEU C 230 19.25 -25.52 -3.55
C LEU C 230 19.89 -26.80 -4.06
N CYS C 231 20.80 -26.67 -5.02
CA CYS C 231 21.49 -27.82 -5.59
C CYS C 231 22.20 -28.67 -4.52
N LYS C 232 22.89 -28.00 -3.60
CA LYS C 232 23.59 -28.72 -2.53
C LYS C 232 22.63 -29.43 -1.59
N ASN C 233 21.51 -28.78 -1.28
CA ASN C 233 20.46 -29.40 -0.49
C ASN C 233 19.81 -30.62 -1.18
N LEU C 234 19.80 -30.61 -2.51
CA LEU C 234 19.21 -31.70 -3.28
C LEU C 234 20.26 -32.71 -3.70
N ALA C 235 21.47 -32.57 -3.17
CA ALA C 235 22.60 -33.44 -3.50
C ALA C 235 22.87 -33.48 -5.00
N LEU C 236 22.63 -32.34 -5.64
CA LEU C 236 22.89 -32.18 -7.06
C LEU C 236 24.13 -31.34 -7.35
N ASP C 237 24.86 -31.74 -8.38
CA ASP C 237 25.94 -30.94 -8.92
C ASP C 237 25.37 -29.94 -9.92
N ILE C 238 25.47 -28.65 -9.59
CA ILE C 238 24.96 -27.58 -10.44
C ILE C 238 25.49 -27.74 -11.86
N ASN C 239 26.72 -28.21 -11.98
CA ASN C 239 27.35 -28.34 -13.29
C ASN C 239 26.84 -29.54 -14.11
N GLU C 240 26.22 -30.52 -13.45
CA GLU C 240 25.71 -31.66 -14.20
C GLU C 240 24.26 -31.44 -14.64
N LEU C 241 23.74 -30.24 -14.38
CA LEU C 241 22.38 -29.94 -14.79
C LEU C 241 22.33 -29.67 -16.27
N LYS C 242 21.13 -29.69 -16.86
CA LYS C 242 21.03 -29.61 -18.31
C LYS C 242 20.15 -28.44 -18.74
N PRO C 243 20.64 -27.21 -18.53
CA PRO C 243 19.85 -26.02 -18.91
C PRO C 243 19.57 -26.02 -20.41
N GLY C 244 18.35 -25.61 -20.77
CA GLY C 244 17.93 -25.53 -22.16
C GLY C 244 18.00 -24.11 -22.69
N ASN C 245 16.96 -23.70 -23.42
CA ASN C 245 16.90 -22.37 -24.03
C ASN C 245 15.57 -21.67 -23.80
N LEU C 246 14.93 -21.99 -22.69
CA LEU C 246 13.62 -21.42 -22.38
C LEU C 246 13.70 -19.92 -22.17
N LEU C 247 14.83 -19.46 -21.65
CA LEU C 247 15.02 -18.04 -21.39
C LEU C 247 15.29 -17.32 -22.69
N LYS C 248 15.88 -18.01 -23.66
CA LYS C 248 16.20 -17.41 -24.95
C LYS C 248 14.98 -16.85 -25.68
N ASP C 249 13.79 -17.06 -25.10
CA ASP C 249 12.68 -16.15 -25.30
C ASP C 249 12.97 -14.88 -24.44
N LYS C 250 14.07 -14.21 -24.79
CA LYS C 250 14.46 -12.95 -24.19
C LYS C 250 13.83 -11.82 -24.98
N ASP C 251 12.51 -11.85 -25.10
CA ASP C 251 11.80 -10.71 -25.66
C ASP C 251 11.29 -9.81 -24.53
N ARG C 252 12.23 -9.20 -23.82
CA ARG C 252 11.93 -8.19 -22.82
C ARG C 252 12.44 -6.85 -23.32
N LEU C 253 12.90 -5.99 -22.42
CA LEU C 253 13.34 -4.65 -22.79
C LEU C 253 14.85 -4.58 -23.01
N LYS C 254 15.24 -4.20 -24.22
CA LYS C 254 16.65 -4.06 -24.61
C LYS C 254 16.72 -3.58 -26.06
N GLY D 4 28.31 2.01 2.15
CA GLY D 4 28.42 0.57 2.22
C GLY D 4 27.52 -0.06 3.28
N ASN D 5 26.22 -0.13 2.99
CA ASN D 5 25.26 -0.67 3.93
C ASN D 5 24.89 -2.13 3.65
N GLU D 6 25.60 -2.75 2.70
CA GLU D 6 25.33 -4.14 2.30
C GLU D 6 26.57 -5.01 2.40
N PHE D 7 26.39 -6.30 2.71
CA PHE D 7 27.53 -7.21 2.87
C PHE D 7 28.38 -7.23 1.60
N GLU D 8 27.74 -7.22 0.43
CA GLU D 8 28.46 -7.25 -0.83
C GLU D 8 29.41 -6.05 -0.99
N ASP D 9 29.11 -4.94 -0.31
CA ASP D 9 29.92 -3.72 -0.38
C ASP D 9 31.26 -3.83 0.34
N TYR D 10 31.46 -4.86 1.15
CA TYR D 10 32.65 -4.97 1.98
C TYR D 10 33.81 -5.69 1.28
N CYS D 11 33.62 -6.13 0.06
CA CYS D 11 34.66 -6.91 -0.60
C CYS D 11 35.06 -8.12 0.26
N LEU D 12 34.09 -8.97 0.52
CA LEU D 12 34.35 -10.25 1.15
C LEU D 12 34.50 -11.32 0.04
N LYS D 13 35.18 -12.42 0.34
CA LYS D 13 35.22 -13.59 -0.55
C LYS D 13 33.81 -14.14 -0.85
N ARG D 14 33.61 -14.59 -2.09
CA ARG D 14 32.30 -15.07 -2.52
C ARG D 14 31.81 -16.21 -1.62
N GLU D 15 32.73 -17.12 -1.29
CA GLU D 15 32.38 -18.25 -0.44
C GLU D 15 31.90 -17.78 0.94
N LEU D 16 32.48 -16.70 1.42
CA LEU D 16 32.08 -16.15 2.73
C LEU D 16 30.73 -15.42 2.60
N LEU D 17 30.54 -14.69 1.52
CA LEU D 17 29.24 -14.06 1.25
C LEU D 17 28.17 -15.15 1.17
N MET D 18 28.55 -16.31 0.61
CA MET D 18 27.61 -17.42 0.53
C MET D 18 27.24 -17.92 1.91
N GLY D 19 28.24 -18.05 2.78
CA GLY D 19 27.99 -18.45 4.17
C GLY D 19 27.09 -17.47 4.92
N ILE D 20 27.29 -16.18 4.67
CA ILE D 20 26.50 -15.15 5.32
C ILE D 20 25.05 -15.22 4.83
N PHE D 21 24.89 -15.33 3.51
CA PHE D 21 23.57 -15.51 2.92
C PHE D 21 22.82 -16.72 3.52
N GLU D 22 23.48 -17.87 3.63
CA GLU D 22 22.80 -19.04 4.17
C GLU D 22 22.41 -18.87 5.65
N MET D 23 23.15 -18.05 6.40
CA MET D 23 22.73 -17.76 7.78
C MET D 23 21.37 -17.07 7.83
N GLY D 24 20.91 -16.54 6.70
CA GLY D 24 19.73 -15.69 6.70
C GLY D 24 20.00 -14.23 7.09
N TRP D 25 21.28 -13.85 7.22
CA TRP D 25 21.69 -12.46 7.49
C TRP D 25 21.67 -11.63 6.20
N GLU D 26 20.54 -10.98 5.87
CA GLU D 26 20.41 -10.23 4.62
C GLU D 26 21.17 -8.91 4.60
N LYS D 27 21.07 -8.16 5.68
CA LYS D 27 21.78 -6.89 5.80
C LYS D 27 22.61 -6.91 7.08
N PRO D 28 23.78 -6.24 7.07
CA PRO D 28 24.57 -6.13 8.30
C PRO D 28 23.84 -5.42 9.43
N SER D 29 23.93 -5.98 10.63
CA SER D 29 23.41 -5.32 11.83
C SER D 29 24.19 -4.03 12.10
N PRO D 30 23.63 -3.15 12.94
CA PRO D 30 24.37 -1.89 13.14
C PRO D 30 25.82 -2.02 13.67
N ILE D 31 26.08 -2.91 14.62
CA ILE D 31 27.46 -3.10 15.07
C ILE D 31 28.35 -3.70 13.97
N GLN D 32 27.75 -4.53 13.11
CA GLN D 32 28.47 -5.10 11.98
C GLN D 32 28.81 -4.02 10.98
N GLU D 33 27.91 -3.07 10.78
CA GLU D 33 28.15 -2.01 9.81
C GLU D 33 29.45 -1.26 10.11
N GLU D 34 29.81 -1.16 11.39
CA GLU D 34 31.07 -0.55 11.74
C GLU D 34 32.17 -1.59 11.87
N SER D 35 31.86 -2.65 12.58
CA SER D 35 32.89 -3.61 12.93
C SER D 35 33.57 -4.21 11.72
N ILE D 36 32.79 -4.52 10.68
CA ILE D 36 33.34 -5.28 9.56
C ILE D 36 34.39 -4.51 8.71
N PRO D 37 34.02 -3.34 8.17
CA PRO D 37 35.06 -2.67 7.36
C PRO D 37 36.27 -2.20 8.18
N ILE D 38 36.07 -1.85 9.45
CA ILE D 38 37.19 -1.41 10.28
C ILE D 38 38.15 -2.56 10.53
N ALA D 39 37.59 -3.69 10.97
CA ALA D 39 38.37 -4.90 11.19
C ALA D 39 39.07 -5.37 9.89
N LEU D 40 38.39 -5.28 8.75
CA LEU D 40 39.02 -5.65 7.45
C LEU D 40 40.22 -4.78 7.08
N SER D 41 40.25 -3.55 7.61
CA SER D 41 41.33 -2.62 7.34
C SER D 41 42.56 -2.91 8.20
N GLY D 42 42.41 -3.77 9.20
CA GLY D 42 43.50 -4.06 10.11
C GLY D 42 43.49 -3.31 11.45
N ARG D 43 42.61 -2.32 11.60
CA ARG D 43 42.50 -1.56 12.86
C ARG D 43 42.15 -2.46 14.02
N ASP D 44 42.74 -2.21 15.18
CA ASP D 44 42.19 -2.76 16.40
C ASP D 44 40.85 -2.09 16.64
N ILE D 45 40.01 -2.75 17.39
CA ILE D 45 38.68 -2.26 17.70
C ILE D 45 38.37 -2.40 19.16
N LEU D 46 37.70 -1.40 19.73
CA LEU D 46 37.13 -1.57 21.05
C LEU D 46 35.65 -1.27 20.94
N ALA D 47 34.83 -2.21 21.33
CA ALA D 47 33.40 -2.10 21.02
C ALA D 47 32.54 -2.40 22.24
N ARG D 48 31.55 -1.55 22.49
CA ARG D 48 30.56 -1.85 23.50
C ARG D 48 29.41 -2.62 22.87
N ALA D 49 29.10 -3.79 23.42
CA ALA D 49 28.05 -4.63 22.89
C ALA D 49 27.51 -5.58 23.96
N LYS D 50 26.24 -5.99 23.81
CA LYS D 50 25.66 -6.83 24.85
C LYS D 50 26.25 -8.23 24.82
N ASN D 51 26.26 -8.85 26.00
CA ASN D 51 26.75 -10.20 26.19
C ASN D 51 26.04 -11.20 25.27
N GLY D 52 26.70 -12.30 24.97
CA GLY D 52 26.05 -13.35 24.21
C GLY D 52 26.43 -13.27 22.74
N THR D 53 25.75 -14.06 21.92
CA THR D 53 26.14 -14.29 20.53
C THR D 53 25.57 -13.36 19.45
N GLY D 54 24.77 -12.37 19.82
CA GLY D 54 24.23 -11.46 18.83
C GLY D 54 25.25 -10.79 17.93
N LYS D 55 26.40 -10.44 18.49
CA LYS D 55 27.44 -9.66 17.82
C LYS D 55 28.58 -10.52 17.25
N SER D 56 28.47 -11.83 17.34
CA SER D 56 29.57 -12.69 16.89
C SER D 56 29.82 -12.53 15.39
N GLY D 57 28.77 -12.35 14.60
CA GLY D 57 28.95 -12.02 13.19
C GLY D 57 29.86 -10.79 12.99
N ALA D 58 29.77 -9.81 13.87
CA ALA D 58 30.58 -8.59 13.73
C ALA D 58 32.09 -8.85 13.77
N TYR D 59 32.52 -9.94 14.41
CA TYR D 59 33.94 -10.27 14.39
C TYR D 59 34.30 -11.52 13.58
N LEU D 60 33.40 -12.50 13.53
CA LEU D 60 33.67 -13.74 12.77
C LEU D 60 33.86 -13.48 11.28
N ILE D 61 33.11 -12.52 10.74
CA ILE D 61 33.19 -12.23 9.32
C ILE D 61 34.58 -11.71 8.93
N PRO D 62 35.07 -10.63 9.59
CA PRO D 62 36.45 -10.23 9.24
C PRO D 62 37.50 -11.27 9.62
N LEU D 63 37.31 -11.98 10.72
CA LEU D 63 38.21 -13.06 11.05
C LEU D 63 38.31 -14.10 9.91
N LEU D 64 37.17 -14.55 9.41
CA LEU D 64 37.16 -15.55 8.34
C LEU D 64 37.74 -14.95 7.07
N GLU D 65 37.44 -13.68 6.81
CA GLU D 65 37.95 -13.04 5.60
C GLU D 65 39.47 -13.05 5.57
N ARG D 66 40.09 -12.98 6.75
CA ARG D 66 41.55 -12.82 6.81
C ARG D 66 42.29 -14.14 6.76
N LEU D 67 41.58 -15.24 6.98
CA LEU D 67 42.19 -16.56 6.88
C LEU D 67 42.84 -16.78 5.49
N ASP D 68 44.03 -17.38 5.51
CA ASP D 68 44.62 -17.94 4.29
C ASP D 68 44.59 -19.46 4.45
N LEU D 69 43.66 -20.12 3.77
CA LEU D 69 43.44 -21.56 3.94
C LEU D 69 44.54 -22.44 3.33
N LYS D 70 45.50 -21.82 2.65
CA LYS D 70 46.64 -22.54 2.11
C LYS D 70 47.74 -22.75 3.16
N LYS D 71 47.63 -22.07 4.29
CA LYS D 71 48.55 -22.24 5.42
C LYS D 71 47.94 -23.19 6.47
N ASP D 72 48.75 -24.10 7.02
CA ASP D 72 48.25 -25.08 7.99
C ASP D 72 48.44 -24.61 9.42
N ASN D 73 48.36 -23.30 9.64
CA ASN D 73 48.66 -22.76 10.96
C ASN D 73 47.46 -22.13 11.59
N ILE D 74 47.40 -22.19 12.91
CA ILE D 74 46.43 -21.36 13.63
C ILE D 74 46.68 -19.89 13.26
N GLN D 75 45.65 -19.23 12.75
CA GLN D 75 45.79 -17.86 12.27
C GLN D 75 44.96 -16.89 13.09
N ALA D 76 43.98 -17.42 13.82
CA ALA D 76 43.09 -16.54 14.57
C ALA D 76 42.54 -17.22 15.82
N MET D 77 42.31 -16.42 16.85
CA MET D 77 41.80 -16.94 18.11
C MET D 77 40.68 -16.08 18.64
N VAL D 78 39.62 -16.73 19.11
CA VAL D 78 38.55 -16.06 19.83
C VAL D 78 38.52 -16.59 21.26
N ILE D 79 38.71 -15.67 22.21
CA ILE D 79 38.69 -16.01 23.63
C ILE D 79 37.34 -15.63 24.22
N VAL D 80 36.72 -16.57 24.94
CA VAL D 80 35.45 -16.31 25.61
C VAL D 80 35.56 -16.81 27.06
N PRO D 81 34.72 -16.29 27.99
CA PRO D 81 34.85 -16.66 29.41
C PRO D 81 34.21 -17.99 29.81
N THR D 82 33.20 -18.44 29.07
CA THR D 82 32.50 -19.68 29.42
C THR D 82 32.56 -20.72 28.30
N ARG D 83 32.38 -21.97 28.69
CA ARG D 83 32.42 -23.12 27.80
C ARG D 83 31.23 -23.08 26.86
N GLU D 84 30.10 -22.65 27.40
CA GLU D 84 28.86 -22.59 26.66
C GLU D 84 28.96 -21.57 25.53
N LEU D 85 29.49 -20.39 25.84
CA LEU D 85 29.65 -19.35 24.85
C LEU D 85 30.62 -19.81 23.74
N ALA D 86 31.63 -20.59 24.11
CA ALA D 86 32.58 -21.11 23.14
C ALA D 86 31.91 -22.04 22.12
N LEU D 87 31.01 -22.90 22.60
CA LEU D 87 30.31 -23.81 21.71
C LEU D 87 29.42 -23.03 20.75
N GLN D 88 28.66 -22.09 21.29
CA GLN D 88 27.79 -21.26 20.47
C GLN D 88 28.58 -20.49 19.42
N VAL D 89 29.71 -19.89 19.82
CA VAL D 89 30.48 -19.07 18.87
C VAL D 89 31.08 -19.96 17.79
N SER D 90 31.63 -21.12 18.15
CA SER D 90 32.20 -22.00 17.13
C SER D 90 31.13 -22.60 16.22
N GLN D 91 29.97 -22.92 16.76
CA GLN D 91 28.90 -23.41 15.90
C GLN D 91 28.57 -22.40 14.81
N ILE D 92 28.44 -21.13 15.20
CA ILE D 92 28.16 -20.06 14.25
C ILE D 92 29.29 -19.91 13.23
N CYS D 93 30.51 -19.93 13.71
CA CYS D 93 31.67 -19.77 12.85
C CYS D 93 31.77 -20.92 11.84
N ILE D 94 31.49 -22.13 12.28
CA ILE D 94 31.41 -23.29 11.41
C ILE D 94 30.34 -23.10 10.32
N GLN D 95 29.15 -22.62 10.71
CA GLN D 95 28.10 -22.36 9.73
C GLN D 95 28.46 -21.24 8.76
N VAL D 96 29.03 -20.15 9.26
CA VAL D 96 29.38 -19.02 8.40
C VAL D 96 30.43 -19.45 7.39
N SER D 97 31.29 -20.38 7.77
CA SER D 97 32.41 -20.77 6.92
C SER D 97 32.19 -22.05 6.09
N LYS D 98 30.96 -22.55 6.00
CA LYS D 98 30.69 -23.88 5.39
C LYS D 98 30.98 -23.96 3.89
N HIS D 99 31.10 -22.81 3.23
CA HIS D 99 31.38 -22.83 1.80
C HIS D 99 32.84 -22.54 1.49
N MET D 100 33.64 -22.27 2.52
CA MET D 100 35.02 -21.82 2.33
C MET D 100 36.01 -22.92 1.94
N GLY D 101 35.58 -24.18 2.02
CA GLY D 101 36.42 -25.26 1.55
C GLY D 101 37.73 -25.41 2.32
N GLY D 102 37.64 -25.94 3.53
CA GLY D 102 38.83 -26.37 4.25
C GLY D 102 39.14 -25.60 5.51
N ALA D 103 38.31 -24.61 5.86
CA ALA D 103 38.48 -23.84 7.08
C ALA D 103 38.21 -24.70 8.33
N LYS D 104 39.24 -24.93 9.14
CA LYS D 104 39.10 -25.81 10.29
C LYS D 104 38.95 -25.02 11.57
N VAL D 105 37.83 -25.22 12.24
CA VAL D 105 37.49 -24.49 13.45
C VAL D 105 37.47 -25.45 14.62
N MET D 106 38.02 -25.01 15.75
CA MET D 106 38.08 -25.88 16.92
C MET D 106 37.75 -25.13 18.20
N ALA D 107 36.88 -25.70 19.03
CA ALA D 107 36.59 -25.12 20.33
C ALA D 107 37.30 -25.93 21.41
N THR D 108 37.93 -25.23 22.32
CA THR D 108 38.62 -25.93 23.39
C THR D 108 38.46 -25.18 24.71
N THR D 109 37.90 -25.86 25.70
CA THR D 109 37.58 -25.25 26.98
C THR D 109 37.82 -26.25 28.08
N GLY D 110 37.60 -25.84 29.33
CA GLY D 110 37.62 -26.79 30.43
C GLY D 110 36.57 -27.89 30.27
N GLY D 111 35.54 -27.62 29.46
CA GLY D 111 34.48 -28.56 29.20
C GLY D 111 34.80 -29.66 28.21
N THR D 112 35.67 -29.36 27.25
CA THR D 112 36.07 -30.36 26.25
C THR D 112 37.24 -31.10 26.87
N ASN D 113 37.52 -32.33 26.46
CA ASN D 113 38.56 -33.10 27.15
C ASN D 113 39.98 -32.79 26.66
N LEU D 114 40.89 -32.58 27.60
CA LEU D 114 42.23 -32.08 27.29
C LEU D 114 42.99 -32.98 26.35
N ARG D 115 43.08 -34.27 26.70
CA ARG D 115 43.77 -35.25 25.87
C ARG D 115 43.25 -35.19 24.44
N ASP D 116 41.94 -35.10 24.30
CA ASP D 116 41.29 -35.09 22.99
C ASP D 116 41.63 -33.81 22.23
N ASP D 117 41.77 -32.71 22.95
CA ASP D 117 42.15 -31.45 22.30
C ASP D 117 43.58 -31.51 21.75
N ILE D 118 44.48 -32.09 22.53
CA ILE D 118 45.84 -32.31 22.11
C ILE D 118 45.85 -33.11 20.79
N MET D 119 45.10 -34.20 20.77
CA MET D 119 44.98 -35.05 19.59
C MET D 119 44.45 -34.29 18.37
N ARG D 120 43.38 -33.53 18.58
CA ARG D 120 42.78 -32.74 17.52
C ARG D 120 43.79 -31.77 16.90
N LEU D 121 44.59 -31.15 17.75
CA LEU D 121 45.57 -30.18 17.30
C LEU D 121 46.78 -30.76 16.54
N ASP D 122 46.86 -32.08 16.47
CA ASP D 122 47.81 -32.72 15.58
C ASP D 122 47.49 -32.38 14.13
N ASP D 123 46.22 -32.14 13.84
CA ASP D 123 45.80 -31.83 12.48
C ASP D 123 45.55 -30.34 12.30
N THR D 124 45.40 -29.91 11.05
CA THR D 124 45.26 -28.50 10.73
C THR D 124 44.11 -27.82 11.45
N VAL D 125 44.42 -26.77 12.20
CA VAL D 125 43.40 -25.89 12.77
C VAL D 125 43.71 -24.44 12.41
N HIS D 126 42.72 -23.71 11.88
CA HIS D 126 42.93 -22.33 11.47
C HIS D 126 42.42 -21.35 12.50
N VAL D 127 41.30 -21.68 13.13
CA VAL D 127 40.69 -20.80 14.12
C VAL D 127 40.47 -21.60 15.39
N VAL D 128 40.93 -21.02 16.49
CA VAL D 128 40.71 -21.62 17.80
C VAL D 128 39.71 -20.76 18.57
N ILE D 129 38.73 -21.40 19.18
CA ILE D 129 37.77 -20.68 20.02
C ILE D 129 37.86 -21.26 21.41
N ALA D 130 38.25 -20.46 22.39
CA ALA D 130 38.71 -21.02 23.68
C ALA D 130 38.36 -20.23 24.91
N THR D 131 38.34 -20.92 26.03
CA THR D 131 38.33 -20.27 27.33
C THR D 131 39.80 -20.00 27.69
N PRO D 132 40.07 -19.00 28.54
CA PRO D 132 41.46 -18.54 28.65
C PRO D 132 42.42 -19.61 29.19
N GLY D 133 42.03 -20.26 30.27
CA GLY D 133 42.88 -21.24 30.93
C GLY D 133 43.31 -22.35 29.98
N ARG D 134 42.34 -22.89 29.27
CA ARG D 134 42.60 -24.03 28.39
C ARG D 134 43.60 -23.66 27.28
N ILE D 135 43.41 -22.52 26.61
CA ILE D 135 44.28 -22.18 25.49
C ILE D 135 45.71 -21.86 25.93
N LEU D 136 45.85 -21.13 27.04
CA LEU D 136 47.16 -20.82 27.58
C LEU D 136 47.91 -22.11 27.90
N ASP D 137 47.19 -23.09 28.44
CA ASP D 137 47.79 -24.38 28.73
C ASP D 137 48.30 -25.06 27.45
N LEU D 138 47.50 -25.07 26.39
CA LEU D 138 47.92 -25.68 25.14
C LEU D 138 49.13 -24.97 24.52
N ILE D 139 49.14 -23.64 24.58
CA ILE D 139 50.26 -22.84 24.10
C ILE D 139 51.58 -23.13 24.84
N LYS D 140 51.51 -23.19 26.16
CA LYS D 140 52.70 -23.44 26.98
C LYS D 140 53.23 -24.84 26.78
N LYS D 141 52.35 -25.77 26.40
CA LYS D 141 52.75 -27.16 26.19
C LYS D 141 53.26 -27.36 24.77
N GLY D 142 53.16 -26.31 23.96
CA GLY D 142 53.67 -26.36 22.61
C GLY D 142 52.75 -27.10 21.68
N VAL D 143 51.54 -27.35 22.13
CA VAL D 143 50.57 -28.07 21.32
C VAL D 143 49.87 -27.10 20.39
N ALA D 144 49.37 -26.00 20.92
CA ALA D 144 48.86 -24.94 20.08
C ALA D 144 50.02 -24.03 19.74
N LYS D 145 50.45 -24.07 18.49
CA LYS D 145 51.53 -23.21 18.01
C LYS D 145 50.90 -21.93 17.45
N VAL D 146 51.31 -20.78 17.99
CA VAL D 146 50.61 -19.50 17.75
C VAL D 146 51.45 -18.37 17.14
N ASP D 147 52.63 -18.69 16.62
CA ASP D 147 53.49 -17.65 16.05
C ASP D 147 53.00 -17.06 14.72
N HIS D 148 51.87 -17.56 14.22
CA HIS D 148 51.26 -17.01 13.01
C HIS D 148 49.88 -16.40 13.26
N VAL D 149 49.44 -16.40 14.52
CA VAL D 149 48.16 -15.80 14.84
C VAL D 149 48.21 -14.31 14.56
N GLN D 150 47.39 -13.86 13.63
CA GLN D 150 47.39 -12.47 13.25
C GLN D 150 46.16 -11.74 13.78
N MET D 151 45.25 -12.45 14.42
CA MET D 151 44.05 -11.84 14.96
C MET D 151 43.56 -12.54 16.20
N ILE D 152 43.31 -11.77 17.25
CA ILE D 152 42.71 -12.28 18.45
C ILE D 152 41.49 -11.43 18.83
N VAL D 153 40.40 -12.12 19.17
CA VAL D 153 39.17 -11.49 19.57
C VAL D 153 38.92 -11.76 21.05
N LEU D 154 38.63 -10.71 21.81
CA LEU D 154 38.21 -10.86 23.20
C LEU D 154 36.73 -10.58 23.26
N ASP D 155 35.96 -11.63 23.49
CA ASP D 155 34.51 -11.50 23.51
C ASP D 155 34.04 -11.50 24.96
N GLU D 156 33.29 -10.48 25.33
CA GLU D 156 32.94 -10.21 26.73
C GLU D 156 34.19 -10.00 27.57
N ALA D 157 34.90 -8.93 27.26
CA ALA D 157 36.20 -8.63 27.83
C ALA D 157 36.15 -8.32 29.34
N ASP D 158 35.08 -7.69 29.80
CA ASP D 158 34.98 -7.39 31.23
C ASP D 158 35.09 -8.69 32.05
N LYS D 159 34.43 -9.75 31.59
CA LYS D 159 34.52 -11.03 32.29
C LYS D 159 35.90 -11.67 32.10
N LEU D 160 36.48 -11.48 30.92
CA LEU D 160 37.84 -11.95 30.65
C LEU D 160 38.90 -11.24 31.47
N LEU D 161 38.64 -10.01 31.89
CA LEU D 161 39.65 -9.20 32.55
C LEU D 161 39.32 -8.99 34.03
N SER D 162 38.43 -9.81 34.55
CA SER D 162 38.21 -9.89 35.99
C SER D 162 39.39 -10.62 36.65
N GLN D 163 39.42 -10.64 37.98
CA GLN D 163 40.54 -11.24 38.71
C GLN D 163 40.78 -12.71 38.34
N ASP D 164 39.74 -13.38 37.87
CA ASP D 164 39.82 -14.79 37.53
C ASP D 164 40.70 -15.11 36.31
N PHE D 165 40.68 -14.24 35.31
CA PHE D 165 41.31 -14.59 34.04
C PHE D 165 42.35 -13.56 33.58
N VAL D 166 42.42 -12.42 34.26
CA VAL D 166 43.19 -11.28 33.76
C VAL D 166 44.70 -11.54 33.57
N GLN D 167 45.34 -12.22 34.51
CA GLN D 167 46.74 -12.61 34.34
C GLN D 167 46.91 -13.67 33.26
N ILE D 168 45.98 -14.61 33.19
CA ILE D 168 45.96 -15.61 32.12
C ILE D 168 45.87 -14.93 30.75
N MET D 169 44.95 -13.96 30.64
CA MET D 169 44.82 -13.14 29.44
C MET D 169 46.11 -12.43 29.06
N GLU D 170 46.78 -11.88 30.05
CA GLU D 170 48.03 -11.18 29.83
C GLU D 170 49.06 -12.16 29.29
N ASP D 171 49.16 -13.32 29.94
CA ASP D 171 50.07 -14.39 29.52
C ASP D 171 49.80 -14.85 28.07
N ILE D 172 48.53 -15.01 27.72
CA ILE D 172 48.18 -15.39 26.35
C ILE D 172 48.72 -14.35 25.37
N ILE D 173 48.36 -13.09 25.60
CA ILE D 173 48.78 -11.99 24.73
C ILE D 173 50.30 -11.97 24.53
N LEU D 174 51.05 -12.21 25.59
CA LEU D 174 52.51 -12.13 25.49
C LEU D 174 53.13 -13.22 24.61
N THR D 175 52.32 -14.23 24.23
CA THR D 175 52.82 -15.33 23.41
C THR D 175 52.56 -15.10 21.92
N LEU D 176 51.74 -14.10 21.61
CA LEU D 176 51.34 -13.80 20.24
C LEU D 176 52.37 -12.88 19.58
N PRO D 177 52.39 -12.82 18.23
CA PRO D 177 53.24 -11.84 17.54
C PRO D 177 52.83 -10.43 17.97
N LYS D 178 53.79 -9.54 18.09
CA LYS D 178 53.54 -8.24 18.69
C LYS D 178 52.55 -7.38 17.90
N ASN D 179 52.43 -7.66 16.61
CA ASN D 179 51.60 -6.84 15.75
C ASN D 179 50.17 -7.35 15.56
N ARG D 180 49.79 -8.40 16.30
CA ARG D 180 48.50 -9.06 16.04
C ARG D 180 47.32 -8.09 16.22
N GLN D 181 46.36 -8.16 15.32
CA GLN D 181 45.16 -7.34 15.45
C GLN D 181 44.35 -7.84 16.62
N ILE D 182 43.92 -6.91 17.46
CA ILE D 182 43.08 -7.25 18.60
C ILE D 182 41.74 -6.58 18.47
N LEU D 183 40.69 -7.37 18.62
CA LEU D 183 39.33 -6.86 18.61
C LEU D 183 38.72 -7.16 19.96
N LEU D 184 38.23 -6.13 20.64
CA LEU D 184 37.70 -6.30 21.97
C LEU D 184 36.22 -5.88 22.01
N TYR D 185 35.37 -6.77 22.53
CA TYR D 185 33.94 -6.52 22.63
C TYR D 185 33.53 -6.72 24.08
N SER D 186 32.76 -5.79 24.63
CA SER D 186 32.40 -5.90 26.04
C SER D 186 31.16 -5.11 26.33
N ALA D 187 30.40 -5.59 27.31
CA ALA D 187 29.21 -4.91 27.75
C ALA D 187 29.55 -3.71 28.64
N THR D 188 30.60 -3.83 29.43
CA THR D 188 31.03 -2.74 30.30
C THR D 188 32.53 -2.52 30.18
N PHE D 189 33.01 -1.37 30.65
CA PHE D 189 34.43 -1.07 30.63
C PHE D 189 34.91 -0.57 31.99
N PRO D 190 35.07 -1.49 32.96
CA PRO D 190 35.62 -1.14 34.27
C PRO D 190 37.13 -0.86 34.12
N LEU D 191 37.82 -0.49 35.20
CA LEU D 191 39.23 -0.09 35.10
C LEU D 191 40.13 -1.15 34.48
N SER D 192 39.86 -2.41 34.81
CA SER D 192 40.65 -3.54 34.38
C SER D 192 40.70 -3.61 32.85
N VAL D 193 39.55 -3.36 32.23
CA VAL D 193 39.45 -3.37 30.78
C VAL D 193 40.17 -2.15 30.21
N GLN D 194 40.00 -1.00 30.86
CA GLN D 194 40.69 0.24 30.49
C GLN D 194 42.21 0.07 30.55
N LYS D 195 42.68 -0.58 31.61
CA LYS D 195 44.09 -0.87 31.75
C LYS D 195 44.56 -1.72 30.57
N PHE D 196 43.84 -2.80 30.29
CA PHE D 196 44.19 -3.70 29.20
C PHE D 196 44.23 -2.97 27.87
N MET D 197 43.25 -2.12 27.63
CA MET D 197 43.20 -1.32 26.42
C MET D 197 44.41 -0.43 26.23
N ASN D 198 44.76 0.32 27.27
CA ASN D 198 45.90 1.23 27.21
C ASN D 198 47.16 0.43 26.96
N SER D 199 47.22 -0.76 27.54
CA SER D 199 48.44 -1.54 27.40
C SER D 199 48.61 -2.16 26.02
N HIS D 200 47.53 -2.67 25.43
CA HIS D 200 47.68 -3.54 24.27
C HIS D 200 47.09 -3.02 22.96
N LEU D 201 46.04 -2.21 23.02
CA LEU D 201 45.36 -1.76 21.82
C LEU D 201 46.09 -0.62 21.13
N GLN D 202 46.35 -0.77 19.83
CA GLN D 202 47.04 0.26 19.05
C GLN D 202 46.03 1.15 18.33
N LYS D 203 45.84 2.37 18.83
CA LYS D 203 44.88 3.34 18.26
C LYS D 203 43.55 2.73 17.89
N PRO D 204 42.87 2.12 18.85
CA PRO D 204 41.65 1.39 18.47
C PRO D 204 40.55 2.32 17.98
N TYR D 205 39.77 1.85 17.01
CA TYR D 205 38.51 2.48 16.62
C TYR D 205 37.48 2.09 17.67
N GLU D 206 36.73 3.06 18.16
CA GLU D 206 35.79 2.79 19.23
C GLU D 206 34.35 2.78 18.70
N ILE D 207 33.64 1.70 19.00
CA ILE D 207 32.27 1.57 18.53
C ILE D 207 31.43 1.60 19.78
N ASN D 208 30.41 2.44 19.76
CA ASN D 208 29.57 2.58 20.92
C ASN D 208 28.19 3.03 20.48
N LEU D 209 27.24 2.11 20.49
CA LEU D 209 25.90 2.41 20.03
C LEU D 209 24.96 2.43 21.23
N MET D 210 23.92 3.25 21.18
CA MET D 210 23.02 3.31 22.32
C MET D 210 22.01 2.18 22.16
N GLU D 211 21.91 1.31 23.17
CA GLU D 211 21.03 0.16 23.05
C GLU D 211 19.59 0.57 23.26
N GLU D 212 19.40 1.77 23.79
CA GLU D 212 18.06 2.30 24.02
C GLU D 212 17.41 2.54 22.69
N LEU D 213 18.22 2.86 21.69
CA LEU D 213 17.70 3.15 20.36
C LEU D 213 17.26 1.88 19.63
N THR D 214 17.42 0.73 20.26
CA THR D 214 17.01 -0.53 19.63
C THR D 214 15.64 -0.96 20.15
N LEU D 215 14.98 -0.08 20.89
CA LEU D 215 13.62 -0.33 21.35
C LEU D 215 12.67 0.26 20.34
N LYS D 216 13.24 0.77 19.25
CA LYS D 216 12.50 1.52 18.24
C LYS D 216 11.29 0.89 17.49
N GLY D 217 11.38 -0.33 16.92
CA GLY D 217 12.15 -1.48 17.36
C GLY D 217 11.13 -2.48 17.91
N VAL D 218 10.89 -2.42 19.21
CA VAL D 218 9.96 -3.29 19.93
C VAL D 218 8.63 -2.60 20.24
N THR D 219 7.52 -3.21 19.87
CA THR D 219 6.24 -2.67 20.29
C THR D 219 6.00 -3.05 21.74
N GLN D 220 5.78 -2.05 22.57
CA GLN D 220 5.69 -2.27 24.01
C GLN D 220 4.33 -1.87 24.54
N TYR D 221 3.68 -2.80 25.24
CA TYR D 221 2.38 -2.54 25.84
C TYR D 221 2.37 -2.74 27.35
N TYR D 222 1.37 -2.16 28.00
CA TYR D 222 1.14 -2.46 29.40
C TYR D 222 -0.33 -2.69 29.69
N ALA D 223 -0.60 -3.47 30.73
CA ALA D 223 -1.96 -3.68 31.22
C ALA D 223 -1.92 -3.47 32.73
N TYR D 224 -2.82 -2.62 33.24
CA TYR D 224 -2.94 -2.47 34.67
C TYR D 224 -3.63 -3.73 35.19
N VAL D 225 -2.97 -4.43 36.10
CA VAL D 225 -3.51 -5.68 36.61
C VAL D 225 -3.04 -5.92 38.04
N THR D 226 -3.92 -6.42 38.89
CA THR D 226 -3.56 -6.80 40.24
C THR D 226 -2.70 -8.05 40.23
N GLU D 227 -1.98 -8.31 41.32
CA GLU D 227 -1.23 -9.56 41.48
C GLU D 227 -2.15 -10.78 41.28
N ARG D 228 -3.37 -10.69 41.81
CA ARG D 228 -4.33 -11.79 41.71
C ARG D 228 -4.77 -12.14 40.28
N GLN D 229 -4.85 -11.13 39.41
CA GLN D 229 -5.39 -11.39 38.07
C GLN D 229 -4.33 -11.61 36.98
N LYS D 230 -3.06 -11.66 37.36
CA LYS D 230 -1.99 -11.74 36.37
C LYS D 230 -2.10 -13.01 35.51
N VAL D 231 -2.33 -14.15 36.17
CA VAL D 231 -2.44 -15.40 35.43
C VAL D 231 -3.64 -15.39 34.49
N HIS D 232 -4.78 -14.91 34.97
CA HIS D 232 -5.93 -14.72 34.10
C HIS D 232 -5.59 -13.84 32.90
N CYS D 233 -4.80 -12.79 33.12
CA CYS D 233 -4.39 -11.91 32.04
C CYS D 233 -3.47 -12.65 31.06
N LEU D 234 -2.54 -13.41 31.61
CA LEU D 234 -1.62 -14.22 30.81
C LEU D 234 -2.42 -15.18 29.95
N ASN D 235 -3.44 -15.79 30.56
CA ASN D 235 -4.40 -16.63 29.83
C ASN D 235 -5.09 -15.89 28.71
N THR D 236 -5.43 -14.63 28.96
CA THR D 236 -6.01 -13.80 27.92
C THR D 236 -5.00 -13.58 26.82
N LEU D 237 -3.78 -13.17 27.19
CA LEU D 237 -2.73 -12.91 26.20
C LEU D 237 -2.42 -14.10 25.29
N PHE D 238 -2.28 -15.27 25.90
CA PHE D 238 -1.94 -16.47 25.16
C PHE D 238 -3.14 -17.02 24.38
N SER D 239 -4.26 -16.33 24.49
CA SER D 239 -5.42 -16.67 23.69
C SER D 239 -5.70 -15.63 22.59
N ARG D 240 -4.89 -14.57 22.54
CA ARG D 240 -5.14 -13.47 21.61
C ARG D 240 -3.93 -13.17 20.71
N LEU D 241 -2.74 -13.49 21.19
CA LEU D 241 -1.51 -13.18 20.47
C LEU D 241 -1.13 -14.35 19.59
N GLN D 242 -0.27 -14.08 18.60
CA GLN D 242 0.38 -15.18 17.89
C GLN D 242 1.74 -15.32 18.50
N ILE D 243 1.96 -16.40 19.24
CA ILE D 243 3.21 -16.61 19.93
C ILE D 243 4.02 -17.75 19.33
N ASN D 244 5.18 -17.41 18.77
CA ASN D 244 6.05 -18.41 18.21
C ASN D 244 6.69 -19.06 19.40
N GLN D 245 7.60 -18.33 20.03
CA GLN D 245 8.09 -18.69 21.35
C GLN D 245 8.09 -17.43 22.20
N SER D 246 7.95 -17.61 23.51
CA SER D 246 7.94 -16.45 24.39
C SER D 246 8.84 -16.63 25.59
N ILE D 247 9.19 -15.51 26.20
CA ILE D 247 9.91 -15.54 27.46
C ILE D 247 9.10 -14.79 28.52
N ILE D 248 8.89 -15.43 29.66
CA ILE D 248 8.15 -14.80 30.74
C ILE D 248 9.10 -14.51 31.89
N PHE D 249 9.36 -13.22 32.15
CA PHE D 249 10.27 -12.81 33.22
C PHE D 249 9.52 -12.56 34.52
N CYS D 250 10.00 -13.15 35.61
CA CYS D 250 9.56 -12.85 36.98
C CYS D 250 10.71 -12.23 37.76
N ASN D 251 10.44 -11.76 38.97
CA ASN D 251 11.47 -11.07 39.75
C ASN D 251 12.21 -11.91 40.75
N SER D 252 11.84 -13.18 40.88
CA SER D 252 12.57 -14.09 41.76
C SER D 252 12.40 -15.54 41.37
N SER D 253 13.35 -16.36 41.82
CA SER D 253 13.34 -17.79 41.60
C SER D 253 12.11 -18.47 42.21
N GLN D 254 11.71 -17.99 43.39
CA GLN D 254 10.56 -18.55 44.09
C GLN D 254 9.33 -18.41 43.20
N ARG D 255 9.18 -17.23 42.59
CA ARG D 255 8.02 -16.94 41.77
C ARG D 255 8.09 -17.58 40.39
N VAL D 256 9.31 -17.80 39.89
CA VAL D 256 9.48 -18.48 38.61
C VAL D 256 8.90 -19.88 38.72
N GLU D 257 9.30 -20.60 39.76
CA GLU D 257 8.82 -21.96 39.97
C GLU D 257 7.31 -21.97 40.11
N LEU D 258 6.79 -21.20 41.07
CA LEU D 258 5.36 -21.14 41.30
C LEU D 258 4.59 -20.81 40.01
N LEU D 259 5.06 -19.84 39.25
CA LEU D 259 4.36 -19.56 38.02
C LEU D 259 4.42 -20.74 37.05
N ALA D 260 5.63 -21.27 36.86
CA ALA D 260 5.85 -22.35 35.89
C ALA D 260 4.99 -23.56 36.21
N LYS D 261 4.91 -23.92 37.49
CA LYS D 261 4.05 -25.03 37.89
C LYS D 261 2.58 -24.73 37.60
N LYS D 262 2.15 -23.51 37.94
CA LYS D 262 0.77 -23.08 37.69
C LYS D 262 0.41 -23.17 36.21
N ILE D 263 1.19 -22.54 35.33
CA ILE D 263 0.81 -22.55 33.93
C ILE D 263 0.96 -23.92 33.25
N SER D 264 1.81 -24.78 33.80
CA SER D 264 1.90 -26.13 33.28
C SER D 264 0.59 -26.90 33.48
N GLN D 265 -0.01 -26.73 34.65
CA GLN D 265 -1.27 -27.39 34.95
C GLN D 265 -2.43 -26.78 34.15
N LEU D 266 -2.23 -25.58 33.62
CA LEU D 266 -3.26 -24.93 32.83
C LEU D 266 -3.13 -25.28 31.36
N GLY D 267 -2.16 -26.14 31.04
CA GLY D 267 -1.96 -26.57 29.66
C GLY D 267 -0.93 -25.84 28.84
N TYR D 268 -0.11 -24.99 29.47
CA TYR D 268 0.96 -24.30 28.75
C TYR D 268 2.11 -25.25 28.46
N SER D 269 2.85 -24.99 27.38
CA SER D 269 4.10 -25.70 27.13
C SER D 269 5.25 -24.84 27.63
N CYS D 270 5.89 -25.25 28.70
CA CYS D 270 6.96 -24.43 29.23
C CYS D 270 8.06 -25.14 30.02
N PHE D 271 9.23 -24.49 30.05
CA PHE D 271 10.30 -24.87 30.95
C PHE D 271 10.59 -23.65 31.81
N TYR D 272 11.28 -23.85 32.91
CA TYR D 272 11.69 -22.72 33.71
C TYR D 272 13.17 -22.78 34.03
N ILE D 273 13.77 -21.60 34.22
CA ILE D 273 15.18 -21.47 34.51
C ILE D 273 15.34 -20.40 35.59
N HIS D 274 16.14 -20.67 36.61
CA HIS D 274 16.48 -19.62 37.56
C HIS D 274 17.84 -19.83 38.17
N ALA D 275 18.16 -19.00 39.16
CA ALA D 275 19.50 -18.91 39.72
C ALA D 275 19.85 -20.15 40.54
N LYS D 276 18.89 -20.70 41.27
CA LYS D 276 19.17 -21.84 42.13
C LYS D 276 19.21 -23.17 41.37
N MET D 277 19.77 -23.15 40.17
CA MET D 277 19.95 -24.36 39.37
C MET D 277 21.40 -24.43 38.96
N ARG D 278 21.97 -25.63 38.93
CA ARG D 278 23.32 -25.77 38.41
C ARG D 278 23.39 -25.26 36.97
N GLN D 279 24.56 -24.76 36.57
CA GLN D 279 24.75 -24.19 35.26
C GLN D 279 24.59 -25.23 34.19
N GLU D 280 25.10 -26.43 34.45
CA GLU D 280 24.99 -27.51 33.47
C GLU D 280 23.51 -27.78 33.19
N HIS D 281 22.66 -27.73 34.22
CA HIS D 281 21.23 -27.94 34.05
C HIS D 281 20.56 -26.77 33.34
N ARG D 282 20.92 -25.54 33.68
CA ARG D 282 20.39 -24.40 32.92
C ARG D 282 20.70 -24.46 31.43
N ASN D 283 21.92 -24.85 31.09
CA ASN D 283 22.34 -24.97 29.70
C ASN D 283 21.48 -25.98 28.96
N ARG D 284 21.17 -27.10 29.60
CA ARG D 284 20.32 -28.10 28.95
C ARG D 284 18.91 -27.58 28.66
N VAL D 285 18.34 -26.89 29.64
CA VAL D 285 17.01 -26.33 29.46
C VAL D 285 17.04 -25.31 28.32
N PHE D 286 18.10 -24.52 28.27
CA PHE D 286 18.20 -23.52 27.23
C PHE D 286 18.34 -24.13 25.84
N HIS D 287 19.19 -25.16 25.72
CA HIS D 287 19.28 -25.92 24.47
C HIS D 287 17.92 -26.52 24.07
N ASP D 288 17.24 -27.14 25.03
CA ASP D 288 15.94 -27.73 24.72
C ASP D 288 14.95 -26.67 24.24
N PHE D 289 14.94 -25.54 24.92
CA PHE D 289 14.10 -24.40 24.54
C PHE D 289 14.46 -23.90 23.14
N ARG D 290 15.76 -23.67 22.92
CA ARG D 290 16.23 -23.24 21.60
C ARG D 290 15.87 -24.27 20.52
N ASN D 291 15.76 -25.55 20.89
CA ASN D 291 15.38 -26.56 19.91
C ASN D 291 13.88 -26.75 19.73
N GLY D 292 13.09 -25.90 20.37
CA GLY D 292 11.65 -25.93 20.21
C GLY D 292 10.92 -27.03 20.97
N LEU D 293 11.55 -27.58 22.00
CA LEU D 293 10.92 -28.64 22.76
C LEU D 293 9.83 -28.11 23.67
N CYS D 294 9.81 -26.81 23.91
CA CYS D 294 8.68 -26.22 24.61
C CYS D 294 8.47 -24.85 23.99
N ARG D 295 7.31 -24.25 24.22
CA ARG D 295 6.97 -22.99 23.57
C ARG D 295 7.32 -21.72 24.36
N ASN D 296 7.36 -21.83 25.69
CA ASN D 296 7.57 -20.68 26.55
C ASN D 296 8.59 -20.94 27.63
N LEU D 297 9.46 -19.97 27.89
CA LEU D 297 10.40 -20.13 28.99
C LEU D 297 10.09 -19.16 30.15
N VAL D 298 9.88 -19.68 31.34
CA VAL D 298 9.67 -18.81 32.51
C VAL D 298 10.99 -18.69 33.24
N CYS D 299 11.43 -17.46 33.52
CA CYS D 299 12.74 -17.29 34.14
C CYS D 299 12.96 -15.93 34.80
N THR D 300 14.05 -15.84 35.55
CA THR D 300 14.51 -14.60 36.14
C THR D 300 15.49 -14.01 35.15
N ASP D 301 16.08 -12.87 35.53
CA ASP D 301 17.13 -12.25 34.76
C ASP D 301 18.37 -13.12 34.93
N LEU D 302 19.06 -13.41 33.83
CA LEU D 302 20.26 -14.23 33.92
C LEU D 302 21.53 -13.39 34.20
N ILE D 307 19.33 -13.67 25.59
CA ILE D 307 18.55 -14.82 25.17
C ILE D 307 19.02 -15.38 23.82
N ASP D 308 19.24 -14.51 22.82
CA ASP D 308 19.77 -14.94 21.52
C ASP D 308 18.94 -15.98 20.73
N ILE D 309 17.64 -16.06 20.98
CA ILE D 309 16.77 -17.04 20.31
C ILE D 309 15.80 -16.41 19.30
N GLN D 310 16.03 -16.73 18.03
CA GLN D 310 15.39 -16.05 16.91
C GLN D 310 13.87 -16.22 16.90
N ALA D 311 13.38 -17.38 17.31
CA ALA D 311 11.95 -17.60 17.24
C ALA D 311 11.16 -16.86 18.33
N VAL D 312 11.84 -16.36 19.36
CA VAL D 312 11.14 -15.62 20.42
C VAL D 312 10.59 -14.31 19.87
N ASN D 313 9.28 -14.17 19.79
CA ASN D 313 8.71 -12.94 19.23
C ASN D 313 7.94 -12.13 20.29
N VAL D 314 7.86 -12.68 21.50
CA VAL D 314 7.10 -12.07 22.59
C VAL D 314 7.85 -12.23 23.88
N VAL D 315 8.03 -11.11 24.58
CA VAL D 315 8.50 -11.18 25.93
C VAL D 315 7.41 -10.66 26.81
N ILE D 316 7.13 -11.39 27.89
CA ILE D 316 6.21 -10.89 28.88
C ILE D 316 6.95 -10.62 30.20
N ASN D 317 6.83 -9.40 30.67
CA ASN D 317 7.29 -9.07 31.99
C ASN D 317 6.19 -9.39 32.98
N PHE D 318 6.22 -10.60 33.51
CA PHE D 318 5.18 -11.00 34.46
C PHE D 318 5.28 -10.13 35.69
N ASP D 319 6.50 -9.93 36.19
CA ASP D 319 6.77 -8.91 37.21
C ASP D 319 7.53 -7.77 36.54
N PHE D 320 7.08 -6.55 36.76
CA PHE D 320 7.77 -5.41 36.17
C PHE D 320 9.05 -5.15 36.96
N PRO D 321 10.17 -4.90 36.25
CA PRO D 321 11.47 -4.64 36.89
C PRO D 321 11.46 -3.28 37.59
N LYS D 322 12.37 -3.06 38.52
CA LYS D 322 12.47 -1.79 39.23
C LYS D 322 13.39 -0.84 38.47
N LEU D 323 14.22 -1.40 37.58
CA LEU D 323 15.31 -0.64 36.97
C LEU D 323 15.23 -0.51 35.46
N ALA D 324 15.54 0.69 34.97
CA ALA D 324 15.62 0.91 33.53
C ALA D 324 16.56 -0.10 32.86
N GLU D 325 17.73 -0.33 33.47
CA GLU D 325 18.70 -1.26 32.88
C GLU D 325 18.18 -2.69 32.75
N THR D 326 17.43 -3.13 33.75
CA THR D 326 16.90 -4.47 33.75
C THR D 326 15.87 -4.65 32.63
N TYR D 327 15.02 -3.65 32.48
CA TYR D 327 14.01 -3.64 31.45
C TYR D 327 14.70 -3.70 30.10
N LEU D 328 15.75 -2.90 29.94
CA LEU D 328 16.44 -2.84 28.68
C LEU D 328 17.13 -4.19 28.41
N HIS D 329 17.63 -4.84 29.45
CA HIS D 329 18.24 -6.14 29.21
C HIS D 329 17.20 -7.18 28.78
N ARG D 330 15.99 -7.09 29.31
CA ARG D 330 14.99 -8.12 29.02
C ARG D 330 14.47 -8.04 27.61
N ILE D 331 14.28 -6.83 27.10
CA ILE D 331 13.57 -6.67 25.85
C ILE D 331 14.43 -6.06 24.75
N GLY D 332 15.59 -5.55 25.14
CA GLY D 332 16.46 -4.83 24.23
C GLY D 332 17.21 -5.75 23.28
N ARG D 333 17.61 -5.21 22.14
CA ARG D 333 18.29 -6.02 21.15
C ARG D 333 19.67 -5.42 20.91
N SER D 334 20.45 -5.34 21.99
CA SER D 334 21.79 -4.76 21.95
C SER D 334 22.79 -5.76 21.41
N GLY D 335 23.23 -5.52 20.16
CA GLY D 335 24.18 -6.39 19.51
C GLY D 335 23.48 -7.59 18.90
N ARG D 336 22.25 -7.84 19.33
CA ARG D 336 21.45 -8.97 18.84
C ARG D 336 20.96 -8.80 17.38
N PHE D 337 20.53 -9.91 16.77
CA PHE D 337 19.99 -9.89 15.40
C PHE D 337 18.47 -9.69 15.28
N GLY D 338 18.10 -8.61 14.59
CA GLY D 338 16.72 -8.19 14.40
C GLY D 338 16.17 -7.52 15.64
N HIS D 339 14.85 -7.31 15.67
CA HIS D 339 14.23 -6.77 16.88
C HIS D 339 13.15 -7.73 17.40
N LEU D 340 12.95 -7.71 18.72
CA LEU D 340 11.84 -8.42 19.31
C LEU D 340 10.58 -7.79 18.75
N GLY D 341 9.53 -8.57 18.59
CA GLY D 341 8.29 -8.02 18.07
C GLY D 341 7.50 -7.29 19.13
N LEU D 342 7.32 -7.95 20.27
CA LEU D 342 6.31 -7.55 21.22
C LEU D 342 6.77 -7.76 22.63
N ALA D 343 6.52 -6.75 23.45
CA ALA D 343 6.78 -6.83 24.86
C ALA D 343 5.51 -6.40 25.58
N ILE D 344 5.11 -7.16 26.58
CA ILE D 344 3.89 -6.85 27.32
C ILE D 344 4.17 -6.82 28.80
N ASN D 345 3.78 -5.73 29.41
CA ASN D 345 4.11 -5.45 30.79
C ASN D 345 2.89 -5.55 31.71
N LEU D 346 2.98 -6.42 32.70
CA LEU D 346 1.93 -6.51 33.71
C LEU D 346 2.22 -5.56 34.87
N ILE D 347 1.38 -4.54 35.02
CA ILE D 347 1.65 -3.50 35.98
C ILE D 347 0.61 -3.48 37.08
N THR D 348 1.08 -3.69 38.31
CA THR D 348 0.28 -3.49 39.52
C THR D 348 0.38 -2.04 39.93
N TYR D 349 -0.40 -1.66 40.93
CA TYR D 349 -0.43 -0.28 41.40
C TYR D 349 0.94 0.19 41.88
N ASP D 350 1.68 -0.68 42.55
CA ASP D 350 3.02 -0.34 43.03
C ASP D 350 4.07 -0.27 41.93
N ASP D 351 3.71 -0.73 40.74
CA ASP D 351 4.59 -0.61 39.59
C ASP D 351 4.36 0.67 38.79
N ARG D 352 3.31 1.42 39.12
CA ARG D 352 2.87 2.49 38.22
C ARG D 352 3.92 3.57 37.93
N PHE D 353 4.58 4.08 38.97
CA PHE D 353 5.61 5.10 38.75
C PHE D 353 6.81 4.60 37.94
N ASN D 354 7.23 3.37 38.22
CA ASN D 354 8.36 2.78 37.51
C ASN D 354 8.07 2.66 36.02
N LEU D 355 6.81 2.40 35.70
CA LEU D 355 6.40 2.28 34.32
C LEU D 355 6.69 3.56 33.59
N LYS D 356 6.16 4.64 34.14
CA LYS D 356 6.33 5.96 33.54
C LYS D 356 7.79 6.38 33.56
N SER D 357 8.45 6.12 34.69
CA SER D 357 9.85 6.49 34.86
C SER D 357 10.79 5.76 33.90
N ILE D 358 10.59 4.45 33.74
CA ILE D 358 11.47 3.64 32.89
C ILE D 358 11.26 4.01 31.42
N GLU D 359 10.01 4.22 31.05
CA GLU D 359 9.66 4.67 29.72
C GLU D 359 10.44 5.94 29.39
N GLU D 360 10.47 6.86 30.35
CA GLU D 360 11.16 8.13 30.17
C GLU D 360 12.68 7.95 30.12
N GLN D 361 13.23 7.13 31.02
CA GLN D 361 14.68 6.94 31.03
C GLN D 361 15.23 6.30 29.75
N LEU D 362 14.44 5.41 29.15
CA LEU D 362 14.91 4.70 27.96
C LEU D 362 14.54 5.43 26.69
N GLY D 363 13.81 6.53 26.83
CA GLY D 363 13.35 7.31 25.69
C GLY D 363 12.42 6.54 24.77
N THR D 364 11.63 5.65 25.34
CA THR D 364 10.74 4.82 24.54
C THR D 364 9.25 5.15 24.74
N GLU D 365 8.39 4.28 24.20
CA GLU D 365 6.95 4.43 24.40
C GLU D 365 6.32 3.09 24.79
N ILE D 366 5.59 3.12 25.90
CA ILE D 366 4.85 1.94 26.34
C ILE D 366 3.36 2.25 26.36
N LYS D 367 2.66 1.82 25.32
CA LYS D 367 1.24 2.16 25.16
C LYS D 367 0.35 1.18 25.93
N PRO D 368 -0.87 1.60 26.28
CA PRO D 368 -1.83 0.68 26.90
C PRO D 368 -2.22 -0.38 25.89
N ILE D 369 -2.55 -1.57 26.36
CA ILE D 369 -3.01 -2.61 25.45
C ILE D 369 -4.40 -2.28 24.87
N PRO D 370 -4.55 -2.41 23.55
CA PRO D 370 -5.81 -2.06 22.86
C PRO D 370 -6.98 -2.97 23.26
N SER D 371 -8.20 -2.46 23.10
CA SER D 371 -9.42 -3.17 23.53
C SER D 371 -9.55 -4.56 22.94
MG MG E . -28.89 21.81 -36.57
MG MG F . -30.60 20.49 -33.02
MG MG G . -29.82 20.69 -29.64
MG MG H . 15.32 -4.35 38.42
CL CL I . 13.84 -22.05 18.78
#